data_6NN6
#
_entry.id   6NN6
#
_cell.length_a   1
_cell.length_b   1
_cell.length_c   1
_cell.angle_alpha   90
_cell.angle_beta   90
_cell.angle_gamma   90
#
_symmetry.space_group_name_H-M   'P 1'
#
loop_
_entity.id
_entity.type
_entity.pdbx_description
1 polymer 'Histone H3.2'
2 polymer 'Histone H4'
3 polymer 'Histone H2A type 1'
4 polymer 'Histone H2B 1.1'
5 polymer 'DNA (145-MER)'
6 polymer 'DNA (145-MER)'
7 polymer 'Histone-lysine N-methyltransferase, H3 lysine-79 specific'
8 polymer Ubiquitin
#
loop_
_entity_poly.entity_id
_entity_poly.type
_entity_poly.pdbx_seq_one_letter_code
_entity_poly.pdbx_strand_id
1 'polypeptide(L)'
;ARTKQTARKSTGGKAPRKQLATKAARKSAPATGGVKKPHRYRPGTVALREIRRYQKSTELLIRKLPFQRLVREIAQDFKT
DLRFQSSAVMALQEASEAYLVALFEDTNLCAIHAKRVTIMPKDIQLARRIRGERA
;
A,E
2 'polypeptide(L)'
;SGRGKGGKGLGKGGAKRHRKVLRDNIQGITKPAIRRLARRGGVKRISGLIYEETRGVLKVFLENVIRDAVTYTEHAKRKT
VTAMDVVYALKRQGRTLYGFGG
;
B,F
3 'polypeptide(L)'
;SGRGKQGGKTRAKAKTRSSRAGLQFPVGRVHRLLRKGNYAERVGAGAPVYLAAVLEYLTAEILELAGNAARDNKKTRIIP
RHLQLAVRNDEELNKLLGRVTIAQGGVLPNIQSVLLPKKTESSKSAKSK
;
C,G
4 'polypeptide(L)'
;GSAKSAPAPKKGSKKAVTKTQKKDGKKRRKTRKESYAIYVYKVLKQVHPDTGISSKAMSIMNSFVNDVFERIAGEASRLA
HYNKRSTITSREIQTAVRLLLPGELAKHAVSEGTKAVTCYTSAK
;
D,H
5 'polydeoxyribonucleotide'
;(DA)(DT)(DC)(DA)(DG)(DA)(DA)(DT)(DC)(DC)(DC)(DG)(DG)(DT)(DG)(DC)(DC)(DG)(DA)(DG)
(DG)(DC)(DC)(DG)(DC)(DT)(DC)(DA)(DA)(DT)(DT)(DG)(DG)(DT)(DC)(DG)(DT)(DA)(DG)(DA)
(DC)(DA)(DG)(DC)(DT)(DC)(DT)(DA)(DG)(DC)(DA)(DC)(DC)(DG)(DC)(DT)(DT)(DA)(DA)(DA)
(DC)(DG)(DC)(DA)(DC)(DG)(DT)(DA)(DC)(DG)(DC)(DG)(DC)(DT)(DG)(DT)(DC)(DC)(DC)(DC)
(DC)(DG)(DC)(DG)(DT)(DT)(DT)(DT)(DA)(DA)(DC)(DC)(DG)(DC)(DC)(DA)(DA)(DG)(DG)(DG)
(DG)(DA)(DT)(DT)(DA)(DC)(DT)(DC)(DC)(DC)(DT)(DA)(DG)(DT)(DC)(DT)(DC)(DC)(DA)(DG)
(DG)(DC)(DA)(DC)(DG)(DT)(DG)(DT)(DC)(DA)(DG)(DA)(DT)(DA)(DT)(DA)(DT)(DA)(DC)(DA)
(DT)(DC)(DG)(DA)(DT)
;
I
6 'polydeoxyribonucleotide'
;(DA)(DT)(DC)(DG)(DA)(DT)(DG)(DT)(DA)(DT)(DA)(DT)(DA)(DT)(DC)(DT)(DG)(DA)(DC)(DA)
(DC)(DG)(DT)(DG)(DC)(DC)(DT)(DG)(DG)(DA)(DG)(DA)(DC)(DT)(DA)(DG)(DG)(DG)(DA)(DG)
(DT)(DA)(DA)(DT)(DC)(DC)(DC)(DC)(DT)(DT)(DG)(DG)(DC)(DG)(DG)(DT)(DT)(DA)(DA)(DA)
(DA)(DC)(DG)(DC)(DG)(DG)(DG)(DG)(DG)(DA)(DC)(DA)(DG)(DC)(DG)(DC)(DG)(DT)(DA)(DC)
(DG)(DT)(DG)(DC)(DG)(DT)(DT)(DT)(DA)(DA)(DG)(DC)(DG)(DG)(DT)(DG)(DC)(DT)(DA)(DG)
(DA)(DG)(DC)(DT)(DG)(DT)(DC)(DT)(DA)(DC)(DG)(DA)(DC)(DC)(DA)(DA)(DT)(DT)(DG)(DA)
(DG)(DC)(DG)(DG)(DC)(DC)(DT)(DC)(DG)(DG)(DC)(DA)(DC)(DC)(DG)(DG)(DG)(DA)(DT)(DT)
(DC)(DT)(DG)(DA)(DT)
;
J
7 'polypeptide(L)'
;GSEKLELRLKSPVGAEPAVYPWPLPVYDKHHDAAHEIIETIRWVCEEIPDLKLAMENYVLIDYDTKSFESMQRLCDKYNR
AIDSIHQLWKGTTQPMKLNTRPSTGLLRHILQQVYNHSVTDPEKLNNYEPFSPEVYGETSFDLVAQMIDEIKMTDDDLFV
DLGSGVGQVVLQVAAATNCKHHYGVEKADIPAKYAETMDREFRKWMKWYGKKHAEYTLERGDFLSEEWRERIANTSVIFV
NNFAFGPEVDHQLKERFANMKEGGRIVSSKPFAPLNFRINSRNLSDIGTIMRVVELSPLKGSVSWTGKPVSYYLHTIDRT
ILENYFSSLKNPKLREEQEAARRRQQRESKSNAATPTKGPEGKVAGPADAPMDSGAEEEKAGAATVKKPSPSKARKKKLN
KKGRKMAGRKRGRPKK
;
K
8 'polypeptide(L)' GSGSMQIFVKTLTGKTITLEVEPSDTIENVKAKIQDKEGIPPDQQRLIFAGKQLEDGRTLSDYNIQKESTLHLVLRLRGC L
#
loop_
_chem_comp.id
_chem_comp.type
_chem_comp.name
_chem_comp.formula
DA DNA linking 2'-DEOXYADENOSINE-5'-MONOPHOSPHATE 'C10 H14 N5 O6 P'
DC DNA linking 2'-DEOXYCYTIDINE-5'-MONOPHOSPHATE 'C9 H14 N3 O7 P'
DG DNA linking 2'-DEOXYGUANOSINE-5'-MONOPHOSPHATE 'C10 H14 N5 O7 P'
DT DNA linking THYMIDINE-5'-MONOPHOSPHATE 'C10 H15 N2 O8 P'
#
# COMPACT_ATOMS: atom_id res chain seq x y z
N PRO A 38 -31.05 45.98 17.86
CA PRO A 38 -30.88 44.72 18.60
C PRO A 38 -29.53 44.66 19.29
N HIS A 39 -28.83 43.53 19.18
CA HIS A 39 -27.49 43.39 19.71
C HIS A 39 -26.67 42.55 18.75
N ARG A 40 -25.37 42.81 18.74
CA ARG A 40 -24.43 42.00 17.96
C ARG A 40 -23.17 41.78 18.79
N TYR A 41 -22.70 40.54 18.82
CA TYR A 41 -21.38 40.24 19.35
C TYR A 41 -20.31 40.68 18.37
N ARG A 42 -19.13 40.98 18.87
CA ARG A 42 -18.03 41.29 17.98
C ARG A 42 -17.58 40.00 17.29
N PRO A 43 -17.01 40.09 16.09
CA PRO A 43 -16.53 38.88 15.42
C PRO A 43 -15.35 38.26 16.16
N GLY A 44 -15.48 36.97 16.46
CA GLY A 44 -14.48 36.24 17.20
C GLY A 44 -14.85 35.89 18.61
N THR A 45 -15.72 36.69 19.25
CA THR A 45 -16.07 36.45 20.64
C THR A 45 -17.01 35.27 20.77
N VAL A 46 -17.75 34.95 19.71
CA VAL A 46 -18.55 33.74 19.73
C VAL A 46 -17.70 32.48 19.70
N ALA A 47 -16.72 32.40 18.80
CA ALA A 47 -15.96 31.18 18.61
C ALA A 47 -15.08 30.87 19.80
N LEU A 48 -14.65 31.91 20.52
CA LEU A 48 -13.92 31.72 21.77
C LEU A 48 -14.79 31.08 22.83
N ARG A 49 -16.10 31.24 22.72
CA ARG A 49 -17.00 30.65 23.70
C ARG A 49 -17.31 29.21 23.33
N GLU A 50 -17.14 28.84 22.06
CA GLU A 50 -17.27 27.43 21.68
C GLU A 50 -16.09 26.62 22.18
N ILE A 51 -14.88 27.18 22.06
CA ILE A 51 -13.66 26.46 22.38
C ILE A 51 -13.63 26.12 23.86
N ARG A 52 -14.09 27.05 24.69
CA ARG A 52 -14.22 26.74 26.11
C ARG A 52 -15.34 25.74 26.35
N ARG A 53 -16.35 25.74 25.50
CA ARG A 53 -17.48 24.85 25.69
C ARG A 53 -17.13 23.44 25.24
N TYR A 54 -16.53 23.32 24.06
CA TYR A 54 -16.26 22.01 23.47
C TYR A 54 -15.10 21.29 24.12
N GLN A 55 -14.12 22.00 24.66
CA GLN A 55 -13.01 21.30 25.28
C GLN A 55 -13.34 20.69 26.62
N LYS A 56 -14.53 20.94 27.16
CA LYS A 56 -14.93 20.24 28.37
C LYS A 56 -15.77 19.01 28.07
N SER A 57 -16.55 19.03 27.00
CA SER A 57 -17.46 17.93 26.71
C SER A 57 -16.69 16.73 26.18
N THR A 58 -17.34 15.57 26.23
CA THR A 58 -16.72 14.33 25.77
C THR A 58 -17.49 13.63 24.65
N GLU A 59 -18.64 14.12 24.24
CA GLU A 59 -19.47 13.43 23.27
C GLU A 59 -18.84 13.48 21.88
N LEU A 60 -19.22 12.53 21.04
CA LEU A 60 -18.61 12.43 19.73
C LEU A 60 -19.14 13.49 18.79
N LEU A 61 -18.22 14.29 18.27
CA LEU A 61 -18.54 15.51 17.55
C LEU A 61 -19.06 15.23 16.15
N ILE A 62 -18.71 14.10 15.59
CA ILE A 62 -19.29 13.64 14.33
C ILE A 62 -20.54 12.82 14.65
N ARG A 63 -21.58 12.98 13.85
CA ARG A 63 -22.83 12.29 14.14
C ARG A 63 -22.70 10.80 13.87
N LYS A 64 -23.66 10.05 14.41
CA LYS A 64 -23.53 8.61 14.53
C LYS A 64 -23.73 7.91 13.20
N LEU A 65 -24.85 8.16 12.57
CA LEU A 65 -25.29 7.47 11.36
C LEU A 65 -24.66 7.91 10.03
N PRO A 66 -24.32 9.22 9.75
CA PRO A 66 -23.67 9.51 8.46
C PRO A 66 -22.31 8.88 8.36
N PHE A 67 -21.68 8.73 9.52
CA PHE A 67 -20.38 8.09 9.60
C PHE A 67 -20.47 6.61 9.30
N GLN A 68 -21.61 5.99 9.62
CA GLN A 68 -21.70 4.54 9.42
C GLN A 68 -21.92 4.22 7.95
N ARG A 69 -22.51 5.15 7.21
CA ARG A 69 -22.65 4.93 5.78
C ARG A 69 -21.37 5.28 5.05
N LEU A 70 -20.41 5.85 5.78
CA LEU A 70 -19.09 6.10 5.20
C LEU A 70 -18.18 4.90 5.35
N VAL A 71 -18.24 4.23 6.50
CA VAL A 71 -17.35 3.11 6.76
C VAL A 71 -17.75 1.91 5.90
N ARG A 72 -19.05 1.71 5.71
CA ARG A 72 -19.51 0.58 4.91
C ARG A 72 -19.20 0.77 3.43
N GLU A 73 -19.01 2.02 3.02
CA GLU A 73 -18.70 2.30 1.62
C GLU A 73 -17.24 2.01 1.31
N ILE A 74 -16.33 2.41 2.20
CA ILE A 74 -14.91 2.10 2.03
C ILE A 74 -14.70 0.61 2.17
N ALA A 75 -15.42 -0.01 3.09
CA ALA A 75 -15.27 -1.46 3.26
C ALA A 75 -15.91 -2.24 2.13
N GLN A 76 -16.72 -1.57 1.31
CA GLN A 76 -17.36 -2.23 0.19
C GLN A 76 -16.35 -2.61 -0.88
N ASP A 77 -15.32 -1.79 -1.05
CA ASP A 77 -14.41 -1.99 -2.18
C ASP A 77 -13.24 -2.88 -1.82
N PHE A 78 -13.23 -3.45 -0.64
CA PHE A 78 -12.19 -4.42 -0.27
C PHE A 78 -12.74 -5.83 -0.19
N LYS A 79 -13.96 -5.99 0.31
CA LYS A 79 -14.65 -7.27 0.31
C LYS A 79 -16.12 -6.97 0.44
N THR A 80 -16.95 -7.70 -0.31
CA THR A 80 -18.37 -7.47 -0.24
C THR A 80 -19.04 -8.47 0.70
N ASP A 81 -20.20 -8.06 1.21
CA ASP A 81 -20.92 -8.71 2.31
C ASP A 81 -20.06 -8.81 3.56
N LEU A 82 -19.80 -7.67 4.20
CA LEU A 82 -19.18 -7.64 5.51
C LEU A 82 -20.12 -7.04 6.54
N ARG A 83 -20.35 -7.78 7.61
CA ARG A 83 -21.22 -7.35 8.69
C ARG A 83 -20.37 -6.79 9.83
N PHE A 84 -20.59 -5.53 10.13
CA PHE A 84 -19.87 -4.87 11.22
C PHE A 84 -20.63 -5.03 12.50
N GLN A 85 -19.92 -5.39 13.57
CA GLN A 85 -20.50 -5.24 14.90
C GLN A 85 -20.75 -3.78 15.20
N SER A 86 -21.71 -3.53 16.09
CA SER A 86 -22.06 -2.15 16.42
C SER A 86 -21.11 -1.57 17.46
N SER A 87 -20.15 -2.36 17.93
CA SER A 87 -19.08 -1.81 18.74
C SER A 87 -17.82 -1.55 17.94
N ALA A 88 -17.68 -2.18 16.78
CA ALA A 88 -16.51 -1.90 15.96
C ALA A 88 -16.66 -0.61 15.18
N VAL A 89 -17.89 -0.19 14.93
CA VAL A 89 -18.11 1.09 14.27
C VAL A 89 -17.87 2.24 15.23
N MET A 90 -18.09 1.99 16.52
CA MET A 90 -17.78 3.01 17.52
C MET A 90 -16.29 3.14 17.72
N ALA A 91 -15.53 2.11 17.36
CA ALA A 91 -14.09 2.18 17.46
C ALA A 91 -13.52 3.11 16.40
N LEU A 92 -14.02 3.00 15.18
CA LEU A 92 -13.52 3.83 14.10
C LEU A 92 -13.93 5.28 14.27
N GLN A 93 -15.06 5.54 14.91
CA GLN A 93 -15.44 6.93 15.12
C GLN A 93 -14.58 7.57 16.20
N GLU A 94 -14.19 6.79 17.20
CA GLU A 94 -13.38 7.35 18.26
C GLU A 94 -11.95 7.59 17.81
N ALA A 95 -11.37 6.63 17.08
CA ALA A 95 -9.99 6.79 16.67
C ALA A 95 -9.83 7.79 15.55
N SER A 96 -10.91 8.17 14.86
CA SER A 96 -10.76 9.10 13.75
C SER A 96 -11.04 10.53 14.17
N GLU A 97 -11.63 10.73 15.35
CA GLU A 97 -11.63 12.06 15.91
C GLU A 97 -10.29 12.35 16.55
N ALA A 98 -9.77 11.38 17.29
CA ALA A 98 -8.55 11.60 18.06
C ALA A 98 -7.33 11.64 17.16
N TYR A 99 -7.46 11.27 15.90
CA TYR A 99 -6.43 11.61 14.94
C TYR A 99 -6.58 13.04 14.47
N LEU A 100 -7.80 13.45 14.16
CA LEU A 100 -7.98 14.76 13.53
C LEU A 100 -7.87 15.90 14.50
N VAL A 101 -8.18 15.70 15.78
CA VAL A 101 -7.92 16.75 16.75
C VAL A 101 -6.43 17.01 16.85
N ALA A 102 -5.63 15.95 16.76
CA ALA A 102 -4.18 16.08 16.80
C ALA A 102 -3.67 16.77 15.55
N LEU A 103 -4.42 16.69 14.47
CA LEU A 103 -4.01 17.34 13.24
C LEU A 103 -4.18 18.85 13.35
N PHE A 104 -5.23 19.29 14.05
CA PHE A 104 -5.55 20.70 14.10
C PHE A 104 -4.82 21.39 15.24
N GLU A 105 -4.36 20.62 16.21
CA GLU A 105 -3.40 21.17 17.17
C GLU A 105 -2.09 21.48 16.48
N ASP A 106 -1.64 20.57 15.63
CA ASP A 106 -0.36 20.76 14.95
C ASP A 106 -0.52 21.50 13.64
N THR A 107 -1.74 21.73 13.19
CA THR A 107 -1.94 22.77 12.20
C THR A 107 -1.69 24.13 12.85
N ASN A 108 -2.19 24.28 14.07
CA ASN A 108 -2.35 25.61 14.62
C ASN A 108 -1.06 26.13 15.21
N LEU A 109 -0.07 25.26 15.37
CA LEU A 109 1.24 25.78 15.70
C LEU A 109 1.88 26.42 14.48
N CYS A 110 1.43 26.04 13.29
CA CYS A 110 2.08 26.53 12.08
C CYS A 110 1.52 27.89 11.65
N ALA A 111 0.21 28.07 11.75
CA ALA A 111 -0.37 29.31 11.26
C ALA A 111 -0.04 30.48 12.18
N ILE A 112 0.12 30.19 13.47
CA ILE A 112 0.62 31.21 14.39
C ILE A 112 2.08 31.51 14.10
N HIS A 113 2.83 30.49 13.70
CA HIS A 113 4.25 30.64 13.38
C HIS A 113 4.48 31.53 12.18
N ALA A 114 3.56 31.53 11.21
CA ALA A 114 3.66 32.44 10.09
C ALA A 114 2.91 33.75 10.33
N LYS A 115 2.75 34.12 11.60
CA LYS A 115 2.15 35.39 12.05
C LYS A 115 0.70 35.54 11.65
N ARG A 116 0.05 34.46 11.26
CA ARG A 116 -1.34 34.52 10.87
C ARG A 116 -2.20 33.97 12.00
N VAL A 117 -3.51 34.00 11.78
CA VAL A 117 -4.45 33.45 12.75
C VAL A 117 -5.29 32.43 12.00
N THR A 118 -5.44 32.65 10.70
CA THR A 118 -6.29 31.82 9.87
C THR A 118 -5.51 30.63 9.35
N ILE A 119 -6.05 29.43 9.54
CA ILE A 119 -5.36 28.24 9.08
C ILE A 119 -5.69 27.99 7.61
N MET A 120 -4.70 27.57 6.84
CA MET A 120 -4.83 27.47 5.40
C MET A 120 -4.31 26.12 4.94
N PRO A 121 -4.73 25.61 3.78
CA PRO A 121 -4.34 24.25 3.40
C PRO A 121 -2.87 24.04 3.11
N LYS A 122 -2.07 25.10 3.06
CA LYS A 122 -0.63 24.88 3.03
C LYS A 122 -0.07 24.83 4.45
N ASP A 123 -0.92 24.61 5.45
CA ASP A 123 -0.47 24.22 6.77
C ASP A 123 -0.67 22.73 6.97
N ILE A 124 -1.79 22.22 6.49
CA ILE A 124 -2.14 20.82 6.67
C ILE A 124 -1.23 19.98 5.79
N GLN A 125 -0.89 20.49 4.62
CA GLN A 125 0.07 19.79 3.77
C GLN A 125 1.48 19.91 4.30
N LEU A 126 1.73 20.91 5.16
CA LEU A 126 3.02 21.01 5.81
C LEU A 126 3.18 19.98 6.91
N ALA A 127 2.21 19.93 7.82
CA ALA A 127 2.40 19.16 9.05
C ALA A 127 2.45 17.68 8.78
N ARG A 128 1.75 17.23 7.74
CA ARG A 128 1.82 15.82 7.39
C ARG A 128 3.14 15.50 6.70
N ARG A 129 3.82 16.50 6.17
CA ARG A 129 5.12 16.28 5.57
C ARG A 129 6.18 16.10 6.65
N ILE A 130 6.04 16.81 7.75
CA ILE A 130 7.06 16.78 8.79
C ILE A 130 6.93 15.51 9.62
N ARG A 131 5.70 15.06 9.88
CA ARG A 131 5.51 13.82 10.62
C ARG A 131 5.89 12.60 9.80
N GLY A 132 6.07 12.74 8.50
CA GLY A 132 6.43 11.60 7.69
C GLY A 132 5.24 10.79 7.28
N GLU A 133 4.30 11.39 6.56
CA GLU A 133 3.12 10.70 6.09
C GLU A 133 2.96 10.90 4.59
N ARG A 134 2.13 10.05 4.00
CA ARG A 134 1.93 10.08 2.56
C ARG A 134 0.44 10.13 2.24
N LEU B 22 -23.90 1.95 -3.11
CA LEU B 22 -23.48 3.08 -2.31
C LEU B 22 -22.50 3.94 -3.09
N ARG B 23 -22.60 5.25 -2.92
CA ARG B 23 -21.73 6.20 -3.57
C ARG B 23 -21.77 7.52 -2.82
N ASP B 24 -20.58 8.10 -2.61
CA ASP B 24 -20.37 9.50 -2.21
C ASP B 24 -21.00 9.83 -0.87
N ASN B 25 -20.62 9.10 0.19
CA ASN B 25 -21.06 9.49 1.51
C ASN B 25 -20.08 10.45 2.15
N ILE B 26 -19.02 10.81 1.43
CA ILE B 26 -17.93 11.60 1.97
C ILE B 26 -18.38 13.05 2.06
N GLN B 27 -19.47 13.39 1.39
CA GLN B 27 -20.12 14.66 1.64
C GLN B 27 -20.96 14.63 2.91
N GLY B 28 -21.15 13.46 3.51
CA GLY B 28 -21.94 13.38 4.72
C GLY B 28 -21.25 13.99 5.91
N ILE B 29 -19.93 14.02 5.89
CA ILE B 29 -19.20 14.74 6.93
C ILE B 29 -19.33 16.22 6.62
N THR B 30 -20.22 16.90 7.34
CA THR B 30 -20.73 18.19 6.94
C THR B 30 -19.70 19.30 7.04
N LYS B 31 -20.08 20.48 6.65
CA LYS B 31 -19.23 21.64 6.87
C LYS B 31 -19.25 22.09 8.33
N PRO B 32 -20.36 22.09 9.08
CA PRO B 32 -20.21 22.39 10.51
C PRO B 32 -19.64 21.26 11.34
N ALA B 33 -19.44 20.06 10.79
CA ALA B 33 -18.83 19.00 11.58
C ALA B 33 -17.34 19.26 11.77
N ILE B 34 -16.65 19.56 10.68
CA ILE B 34 -15.23 19.89 10.67
C ILE B 34 -15.03 21.18 11.42
N ARG B 35 -16.03 22.05 11.38
CA ARG B 35 -16.03 23.27 12.18
C ARG B 35 -15.99 22.96 13.67
N ARG B 36 -16.68 21.90 14.09
CA ARG B 36 -16.68 21.58 15.51
C ARG B 36 -15.35 21.00 15.95
N LEU B 37 -14.68 20.26 15.07
CA LEU B 37 -13.41 19.63 15.40
C LEU B 37 -12.32 20.66 15.58
N ALA B 38 -12.32 21.69 14.74
CA ALA B 38 -11.27 22.69 14.83
C ALA B 38 -11.38 23.51 16.10
N ARG B 39 -12.59 23.68 16.64
CA ARG B 39 -12.71 24.46 17.86
C ARG B 39 -12.22 23.67 19.06
N ARG B 40 -12.23 22.34 18.98
CA ARG B 40 -11.66 21.57 20.06
C ARG B 40 -10.15 21.68 20.08
N GLY B 41 -9.51 21.79 18.94
CA GLY B 41 -8.08 21.98 18.91
C GLY B 41 -7.62 23.36 19.30
N GLY B 42 -8.47 24.36 19.16
CA GLY B 42 -8.04 25.71 19.43
C GLY B 42 -7.97 26.59 18.23
N VAL B 43 -8.62 26.25 17.14
CA VAL B 43 -8.63 27.10 15.96
C VAL B 43 -9.64 28.22 16.15
N LYS B 44 -9.17 29.45 16.10
CA LYS B 44 -10.01 30.62 16.25
C LYS B 44 -10.64 31.04 14.93
N ARG B 45 -10.07 30.64 13.81
CA ARG B 45 -10.39 31.23 12.52
C ARG B 45 -10.06 30.28 11.39
N ILE B 46 -11.08 29.68 10.78
CA ILE B 46 -10.90 28.68 9.74
C ILE B 46 -11.00 29.39 8.40
N SER B 47 -10.21 28.97 7.43
CA SER B 47 -10.40 29.47 6.08
C SER B 47 -11.53 28.71 5.37
N GLY B 48 -11.61 28.88 4.06
CA GLY B 48 -12.72 28.30 3.34
C GLY B 48 -12.34 27.04 2.55
N LEU B 49 -11.06 26.82 2.36
CA LEU B 49 -10.63 25.68 1.56
C LEU B 49 -10.32 24.45 2.40
N ILE B 50 -10.38 24.56 3.73
CA ILE B 50 -10.03 23.45 4.60
C ILE B 50 -11.06 22.32 4.47
N TYR B 51 -12.28 22.68 4.08
CA TYR B 51 -13.38 21.72 4.07
C TYR B 51 -13.25 20.72 2.94
N GLU B 52 -12.40 21.01 1.96
CA GLU B 52 -12.15 20.01 0.95
C GLU B 52 -10.83 19.30 1.20
N GLU B 53 -10.02 19.83 2.11
CA GLU B 53 -8.81 19.12 2.48
C GLU B 53 -9.10 18.00 3.44
N THR B 54 -9.91 18.27 4.47
CA THR B 54 -10.14 17.31 5.55
C THR B 54 -10.97 16.13 5.06
N ARG B 55 -11.80 16.34 4.04
CA ARG B 55 -12.48 15.20 3.43
C ARG B 55 -11.51 14.35 2.61
N GLY B 56 -10.30 14.83 2.37
CA GLY B 56 -9.28 13.98 1.80
C GLY B 56 -8.41 13.33 2.85
N VAL B 57 -8.23 14.01 3.99
CA VAL B 57 -7.36 13.46 5.03
C VAL B 57 -8.08 12.34 5.76
N LEU B 58 -9.38 12.49 5.96
CA LEU B 58 -10.13 11.49 6.70
C LEU B 58 -10.32 10.22 5.89
N LYS B 59 -10.32 10.34 4.57
CA LYS B 59 -10.51 9.18 3.73
C LYS B 59 -9.26 8.31 3.69
N VAL B 60 -8.10 8.95 3.56
CA VAL B 60 -6.85 8.21 3.44
C VAL B 60 -6.47 7.55 4.76
N PHE B 61 -6.81 8.18 5.87
CA PHE B 61 -6.58 7.57 7.16
C PHE B 61 -7.44 6.33 7.35
N LEU B 62 -8.67 6.35 6.84
CA LEU B 62 -9.52 5.19 7.04
C LEU B 62 -9.19 4.06 6.08
N GLU B 63 -8.52 4.35 4.98
CA GLU B 63 -8.19 3.27 4.06
C GLU B 63 -7.05 2.42 4.56
N ASN B 64 -6.31 2.89 5.56
CA ASN B 64 -5.24 2.06 6.08
C ASN B 64 -5.67 1.30 7.32
N VAL B 65 -6.68 1.81 8.03
CA VAL B 65 -7.16 1.11 9.20
C VAL B 65 -8.02 -0.07 8.77
N ILE B 66 -8.88 0.15 7.80
CA ILE B 66 -9.88 -0.84 7.44
C ILE B 66 -9.27 -1.97 6.64
N ARG B 67 -8.30 -1.65 5.78
CA ARG B 67 -7.61 -2.66 4.99
C ARG B 67 -6.92 -3.70 5.87
N ASP B 68 -6.31 -3.25 6.97
CA ASP B 68 -5.65 -4.20 7.87
C ASP B 68 -6.67 -4.98 8.67
N ALA B 69 -7.75 -4.32 9.09
CA ALA B 69 -8.74 -4.99 9.94
C ALA B 69 -9.53 -6.03 9.15
N VAL B 70 -9.82 -5.74 7.88
CA VAL B 70 -10.49 -6.72 7.04
C VAL B 70 -9.58 -7.91 6.79
N THR B 71 -8.28 -7.67 6.73
CA THR B 71 -7.34 -8.75 6.46
C THR B 71 -7.22 -9.69 7.66
N TYR B 72 -7.43 -9.19 8.87
CA TYR B 72 -7.53 -10.08 10.02
C TYR B 72 -8.79 -10.93 9.94
N THR B 73 -9.85 -10.36 9.38
CA THR B 73 -11.12 -11.08 9.31
C THR B 73 -11.03 -12.24 8.33
N GLU B 74 -10.33 -12.03 7.21
CA GLU B 74 -10.26 -13.08 6.20
C GLU B 74 -9.36 -14.21 6.65
N HIS B 75 -8.45 -13.95 7.59
CA HIS B 75 -7.63 -15.04 8.07
C HIS B 75 -8.42 -15.92 9.02
N ALA B 76 -9.33 -15.33 9.78
CA ALA B 76 -10.07 -16.14 10.74
C ALA B 76 -11.18 -16.95 10.11
N LYS B 77 -11.38 -16.83 8.79
CA LYS B 77 -12.52 -17.42 8.07
C LYS B 77 -13.84 -17.00 8.70
N ARG B 78 -14.09 -15.70 8.69
CA ARG B 78 -15.35 -15.17 9.15
C ARG B 78 -15.86 -14.16 8.14
N LYS B 79 -17.04 -13.63 8.41
CA LYS B 79 -17.61 -12.57 7.59
C LYS B 79 -17.94 -11.35 8.41
N THR B 80 -17.76 -11.44 9.71
CA THR B 80 -18.19 -10.44 10.67
C THR B 80 -16.97 -9.80 11.28
N VAL B 81 -16.92 -8.47 11.30
CA VAL B 81 -15.75 -7.75 11.77
C VAL B 81 -16.02 -7.23 13.17
N THR B 82 -15.39 -7.85 14.17
CA THR B 82 -15.64 -7.51 15.56
C THR B 82 -14.88 -6.26 15.94
N ALA B 83 -14.99 -5.91 17.23
CA ALA B 83 -14.26 -4.77 17.74
C ALA B 83 -12.85 -5.14 18.08
N MET B 84 -12.56 -6.44 18.18
CA MET B 84 -11.19 -6.83 18.45
C MET B 84 -10.38 -7.01 17.17
N ASP B 85 -10.93 -6.58 16.04
CA ASP B 85 -10.09 -6.50 14.84
C ASP B 85 -9.59 -5.09 14.63
N VAL B 86 -10.43 -4.10 14.94
CA VAL B 86 -10.03 -2.70 14.73
C VAL B 86 -8.95 -2.30 15.72
N VAL B 87 -8.99 -2.86 16.93
CA VAL B 87 -7.96 -2.58 17.92
C VAL B 87 -6.63 -3.21 17.50
N TYR B 88 -6.68 -4.40 16.88
CA TYR B 88 -5.45 -4.99 16.38
C TYR B 88 -5.02 -4.36 15.06
N ALA B 89 -5.82 -3.46 14.52
CA ALA B 89 -5.36 -2.70 13.38
C ALA B 89 -4.64 -1.45 13.84
N LEU B 90 -5.13 -0.83 14.91
CA LEU B 90 -4.52 0.41 15.37
C LEU B 90 -3.25 0.15 16.17
N LYS B 91 -3.16 -1.01 16.80
CA LYS B 91 -1.97 -1.34 17.58
C LYS B 91 -0.76 -1.52 16.68
N ARG B 92 -0.96 -2.24 15.58
CA ARG B 92 0.09 -2.42 14.60
C ARG B 92 0.39 -1.11 13.89
N GLN B 93 -0.61 -0.26 13.74
CA GLN B 93 -0.46 1.06 13.16
C GLN B 93 0.37 1.99 14.03
N GLY B 94 0.34 1.81 15.34
CA GLY B 94 1.01 2.72 16.26
C GLY B 94 0.08 3.70 16.91
N ARG B 95 -1.20 3.36 16.99
CA ARG B 95 -2.22 4.20 17.60
C ARG B 95 -2.98 3.24 18.47
N THR B 96 -2.42 2.96 19.63
CA THR B 96 -3.03 1.96 20.53
C THR B 96 -4.25 2.49 21.25
N LEU B 97 -5.35 1.77 21.14
CA LEU B 97 -6.65 2.24 21.61
C LEU B 97 -7.04 1.48 22.87
N TYR B 98 -7.27 2.21 23.96
CA TYR B 98 -7.75 1.61 25.19
C TYR B 98 -9.25 1.82 25.31
N GLY B 99 -9.94 0.78 25.77
CA GLY B 99 -11.32 0.92 26.17
C GLY B 99 -12.29 -0.02 25.50
N PHE B 100 -11.86 -0.84 24.55
CA PHE B 100 -12.77 -1.72 23.83
C PHE B 100 -12.38 -3.18 23.96
N GLY B 101 -11.46 -3.49 24.85
CA GLY B 101 -11.09 -4.86 25.13
C GLY B 101 -9.67 -5.17 24.68
N LYS C 15 18.17 -35.07 -3.24
CA LYS C 15 17.64 -33.77 -3.60
C LYS C 15 17.57 -32.83 -2.40
N THR C 16 17.98 -31.60 -2.57
CA THR C 16 17.96 -30.61 -1.50
C THR C 16 16.52 -30.48 -1.05
N ARG C 17 16.15 -29.25 -0.68
CA ARG C 17 14.75 -28.88 -0.65
C ARG C 17 14.56 -27.53 -1.30
N SER C 18 15.67 -26.89 -1.69
CA SER C 18 15.54 -25.70 -2.51
C SER C 18 15.39 -26.09 -3.97
N SER C 19 16.11 -27.13 -4.38
CA SER C 19 16.04 -27.59 -5.76
C SER C 19 14.68 -28.22 -6.06
N ARG C 20 14.05 -28.78 -5.04
CA ARG C 20 12.76 -29.44 -5.20
C ARG C 20 11.64 -28.41 -5.34
N ALA C 21 11.96 -27.14 -5.16
CA ALA C 21 11.01 -26.07 -5.37
C ALA C 21 11.58 -24.90 -6.16
N GLY C 22 12.86 -24.92 -6.49
CA GLY C 22 13.39 -23.89 -7.37
C GLY C 22 13.84 -22.63 -6.67
N LEU C 23 14.19 -22.71 -5.40
CA LEU C 23 14.68 -21.57 -4.66
C LEU C 23 16.20 -21.50 -4.73
N GLN C 24 16.74 -20.34 -4.41
CA GLN C 24 18.17 -20.21 -4.20
C GLN C 24 18.52 -19.97 -2.76
N PHE C 25 17.64 -19.41 -2.01
CA PHE C 25 17.73 -19.29 -0.56
C PHE C 25 17.56 -20.64 0.10
N PRO C 26 18.09 -20.86 1.30
CA PRO C 26 18.04 -22.21 1.87
C PRO C 26 16.67 -22.49 2.44
N VAL C 27 16.33 -23.75 2.64
CA VAL C 27 15.11 -24.03 3.37
C VAL C 27 15.48 -24.72 4.67
N GLY C 28 16.73 -25.11 4.82
CA GLY C 28 17.17 -25.67 6.07
C GLY C 28 17.33 -24.61 7.16
N ARG C 29 18.03 -23.54 6.82
CA ARG C 29 18.34 -22.45 7.75
C ARG C 29 17.10 -21.71 8.19
N VAL C 30 16.11 -21.57 7.32
CA VAL C 30 14.88 -20.90 7.71
C VAL C 30 14.04 -21.79 8.63
N HIS C 31 13.98 -23.08 8.31
CA HIS C 31 13.19 -24.01 9.10
C HIS C 31 13.75 -24.20 10.50
N ARG C 32 15.05 -24.01 10.66
CA ARG C 32 15.63 -24.06 12.00
C ARG C 32 15.28 -22.81 12.78
N LEU C 33 15.36 -21.65 12.13
CA LEU C 33 15.23 -20.38 12.85
C LEU C 33 13.82 -20.13 13.34
N LEU C 34 12.84 -20.81 12.77
CA LEU C 34 11.50 -20.72 13.35
C LEU C 34 11.40 -21.59 14.59
N ARG C 35 12.39 -22.46 14.82
CA ARG C 35 12.33 -23.31 16.01
C ARG C 35 13.22 -22.78 17.12
N LYS C 36 14.27 -22.05 16.77
CA LYS C 36 15.08 -21.44 17.84
C LYS C 36 14.43 -20.21 18.41
N GLY C 37 13.54 -19.56 17.68
CA GLY C 37 13.06 -18.29 18.15
C GLY C 37 11.94 -18.33 19.16
N ASN C 38 11.23 -19.46 19.28
CA ASN C 38 9.88 -19.53 19.85
C ASN C 38 8.97 -18.48 19.24
N TYR C 39 8.83 -18.55 17.92
CA TYR C 39 7.82 -17.76 17.27
C TYR C 39 6.47 -18.43 17.30
N ALA C 40 6.45 -19.76 17.41
CA ALA C 40 5.29 -20.53 17.83
C ALA C 40 5.78 -21.89 18.27
N GLU C 41 4.84 -22.74 18.66
CA GLU C 41 5.20 -24.05 19.19
C GLU C 41 5.69 -24.98 18.10
N ARG C 42 4.84 -25.27 17.13
CA ARG C 42 5.19 -26.16 16.05
C ARG C 42 4.93 -25.48 14.70
N VAL C 43 5.68 -25.90 13.69
CA VAL C 43 5.73 -25.19 12.42
C VAL C 43 5.16 -26.10 11.35
N GLY C 44 4.26 -25.57 10.54
CA GLY C 44 3.75 -26.27 9.37
C GLY C 44 4.85 -26.54 8.36
N ALA C 45 4.71 -27.61 7.58
CA ALA C 45 5.86 -28.11 6.82
C ALA C 45 6.06 -27.40 5.49
N GLY C 46 5.03 -26.76 4.96
CA GLY C 46 5.23 -25.98 3.75
C GLY C 46 5.49 -24.52 4.05
N ALA C 47 5.46 -24.15 5.32
CA ALA C 47 5.62 -22.75 5.69
C ALA C 47 7.02 -22.18 5.51
N PRO C 48 8.13 -22.85 5.88
CA PRO C 48 9.45 -22.27 5.55
C PRO C 48 9.75 -22.20 4.08
N VAL C 49 9.05 -22.97 3.25
CA VAL C 49 9.17 -22.82 1.80
C VAL C 49 8.60 -21.49 1.36
N TYR C 50 7.40 -21.18 1.83
CA TYR C 50 6.73 -19.95 1.42
C TYR C 50 7.51 -18.74 1.87
N LEU C 51 8.12 -18.82 3.04
CA LEU C 51 8.82 -17.67 3.58
C LEU C 51 10.10 -17.40 2.81
N ALA C 52 10.82 -18.45 2.43
CA ALA C 52 12.04 -18.24 1.66
C ALA C 52 11.72 -17.85 0.23
N ALA C 53 10.49 -18.02 -0.20
CA ALA C 53 10.09 -17.52 -1.52
C ALA C 53 10.05 -16.01 -1.52
N VAL C 54 9.63 -15.41 -0.41
CA VAL C 54 9.46 -13.97 -0.34
C VAL C 54 10.80 -13.26 -0.28
N LEU C 55 11.69 -13.74 0.60
CA LEU C 55 12.95 -13.07 0.87
C LEU C 55 13.83 -13.06 -0.36
N GLU C 56 13.75 -14.12 -1.16
CA GLU C 56 14.41 -14.15 -2.46
C GLU C 56 13.90 -13.02 -3.34
N TYR C 57 12.60 -12.82 -3.36
CA TYR C 57 12.02 -11.83 -4.26
C TYR C 57 12.38 -10.42 -3.82
N LEU C 58 12.56 -10.21 -2.51
CA LEU C 58 12.92 -8.88 -2.05
C LEU C 58 14.40 -8.60 -2.26
N THR C 59 15.27 -9.62 -2.13
CA THR C 59 16.68 -9.37 -2.41
C THR C 59 16.99 -9.50 -3.89
N ALA C 60 16.00 -9.89 -4.70
CA ALA C 60 16.13 -9.70 -6.14
C ALA C 60 15.46 -8.42 -6.56
N GLU C 61 14.81 -7.75 -5.62
CA GLU C 61 14.22 -6.45 -5.92
C GLU C 61 15.22 -5.34 -5.67
N ILE C 62 16.02 -5.47 -4.62
CA ILE C 62 17.01 -4.44 -4.30
C ILE C 62 18.15 -4.49 -5.30
N LEU C 63 18.66 -5.69 -5.56
CA LEU C 63 19.81 -5.82 -6.44
C LEU C 63 19.45 -5.52 -7.88
N GLU C 64 18.16 -5.55 -8.20
CA GLU C 64 17.74 -5.04 -9.49
C GLU C 64 17.88 -3.52 -9.54
N LEU C 65 17.36 -2.83 -8.54
CA LEU C 65 17.50 -1.38 -8.54
C LEU C 65 18.90 -0.94 -8.18
N ALA C 66 19.70 -1.83 -7.60
CA ALA C 66 21.08 -1.48 -7.32
C ALA C 66 21.90 -1.44 -8.59
N GLY C 67 21.76 -2.46 -9.42
CA GLY C 67 22.56 -2.62 -10.62
C GLY C 67 22.35 -1.55 -11.67
N ASN C 68 21.12 -1.09 -11.84
CA ASN C 68 20.84 -0.02 -12.78
C ASN C 68 21.55 1.26 -12.38
N ALA C 69 21.42 1.63 -11.11
CA ALA C 69 21.97 2.92 -10.67
C ALA C 69 23.47 2.85 -10.44
N ALA C 70 24.06 1.66 -10.53
CA ALA C 70 25.49 1.54 -10.37
C ALA C 70 26.23 1.78 -11.67
N ARG C 71 25.59 1.56 -12.80
CA ARG C 71 26.23 1.77 -14.09
C ARG C 71 26.36 3.26 -14.38
N ASP C 72 25.51 4.07 -13.76
CA ASP C 72 25.47 5.48 -14.11
C ASP C 72 26.69 6.20 -13.57
N ASN C 73 27.26 5.70 -12.49
CA ASN C 73 28.56 6.15 -12.00
C ASN C 73 29.70 5.40 -12.64
N LYS C 74 29.39 4.55 -13.63
CA LYS C 74 30.36 3.80 -14.45
C LYS C 74 31.26 2.92 -13.57
N LYS C 75 30.64 2.33 -12.56
CA LYS C 75 31.36 1.49 -11.64
C LYS C 75 30.99 0.05 -11.92
N THR C 76 31.71 -0.87 -11.30
CA THR C 76 31.48 -2.28 -11.54
C THR C 76 30.88 -2.99 -10.32
N ARG C 77 31.28 -2.62 -9.12
CA ARG C 77 30.81 -3.25 -7.90
C ARG C 77 29.74 -2.38 -7.26
N ILE C 78 28.97 -2.96 -6.36
CA ILE C 78 27.89 -2.25 -5.69
C ILE C 78 28.38 -1.77 -4.32
N ILE C 79 28.23 -0.47 -4.09
CA ILE C 79 28.75 0.20 -2.89
C ILE C 79 27.56 0.78 -2.13
N PRO C 80 27.69 1.09 -0.83
CA PRO C 80 26.51 1.54 -0.07
C PRO C 80 25.90 2.86 -0.48
N ARG C 81 26.54 3.63 -1.35
CA ARG C 81 25.86 4.78 -1.92
C ARG C 81 24.85 4.33 -2.97
N HIS C 82 25.12 3.21 -3.61
CA HIS C 82 24.24 2.76 -4.67
C HIS C 82 22.96 2.14 -4.12
N LEU C 83 23.01 1.58 -2.91
CA LEU C 83 21.78 1.07 -2.31
C LEU C 83 20.89 2.21 -1.84
N GLN C 84 21.51 3.27 -1.31
CA GLN C 84 20.78 4.44 -0.87
C GLN C 84 20.09 5.13 -2.04
N LEU C 85 20.69 5.06 -3.23
CA LEU C 85 20.04 5.62 -4.41
C LEU C 85 19.06 4.64 -5.00
N ALA C 86 19.15 3.37 -4.61
CA ALA C 86 18.17 2.43 -5.10
C ALA C 86 16.89 2.50 -4.29
N VAL C 87 16.99 2.90 -3.03
CA VAL C 87 15.86 2.76 -2.12
C VAL C 87 15.03 4.02 -2.06
N ARG C 88 15.66 5.18 -1.87
CA ARG C 88 14.88 6.40 -1.70
C ARG C 88 14.23 6.86 -2.99
N ASN C 89 14.71 6.37 -4.13
CA ASN C 89 14.03 6.66 -5.39
C ASN C 89 12.76 5.86 -5.55
N ASP C 90 12.82 4.55 -5.31
CA ASP C 90 11.66 3.69 -5.45
C ASP C 90 10.65 4.00 -4.36
N GLU C 91 9.39 4.17 -4.73
CA GLU C 91 8.41 4.66 -3.77
C GLU C 91 7.65 3.50 -3.14
N GLU C 92 8.10 2.28 -3.39
CA GLU C 92 7.48 1.12 -2.74
C GLU C 92 8.47 0.44 -1.81
N LEU C 93 9.73 0.83 -1.89
CA LEU C 93 10.71 0.39 -0.91
C LEU C 93 10.99 1.48 0.10
N ASN C 94 10.81 2.74 -0.31
CA ASN C 94 10.85 3.86 0.61
C ASN C 94 9.79 3.69 1.69
N LYS C 95 8.61 3.26 1.32
CA LYS C 95 7.50 3.22 2.26
C LYS C 95 7.66 2.04 3.21
N LEU C 96 8.40 1.02 2.78
CA LEU C 96 8.72 -0.08 3.69
C LEU C 96 9.89 0.28 4.58
N LEU C 97 10.95 0.81 3.99
CA LEU C 97 12.16 1.14 4.74
C LEU C 97 12.15 2.61 5.14
N GLY C 98 11.15 3.04 5.88
CA GLY C 98 11.00 4.45 6.15
C GLY C 98 11.82 4.93 7.32
N ARG C 99 12.07 4.06 8.28
CA ARG C 99 12.67 4.43 9.55
C ARG C 99 14.17 4.19 9.57
N VAL C 100 14.68 3.50 8.56
CA VAL C 100 16.00 2.88 8.59
C VAL C 100 17.00 3.82 7.97
N THR C 101 18.05 4.16 8.70
CA THR C 101 19.21 4.79 8.11
C THR C 101 20.19 3.73 7.63
N ILE C 102 20.92 4.06 6.57
CA ILE C 102 21.85 3.14 5.91
C ILE C 102 23.22 3.76 6.03
N ALA C 103 24.21 2.98 6.44
CA ALA C 103 25.57 3.48 6.63
C ALA C 103 26.16 3.99 5.33
N GLN C 104 26.97 5.04 5.44
CA GLN C 104 27.71 5.65 4.32
C GLN C 104 26.79 6.14 3.20
N GLY C 105 25.57 6.51 3.55
CA GLY C 105 24.58 6.71 2.52
C GLY C 105 24.54 8.07 1.88
N GLY C 106 24.34 9.12 2.64
CA GLY C 106 24.08 10.38 1.99
C GLY C 106 22.62 10.47 1.61
N VAL C 107 22.26 11.57 0.97
CA VAL C 107 20.87 11.82 0.64
C VAL C 107 20.74 11.99 -0.86
N LEU C 108 19.49 12.07 -1.32
CA LEU C 108 19.24 12.29 -2.74
C LEU C 108 19.67 13.67 -3.16
N PRO C 109 20.17 13.83 -4.39
CA PRO C 109 20.50 15.16 -4.88
C PRO C 109 19.20 15.92 -5.15
N ASN C 110 18.84 16.83 -4.26
CA ASN C 110 17.60 17.56 -4.46
C ASN C 110 17.67 18.90 -3.75
N ILE C 111 17.23 19.96 -4.42
CA ILE C 111 17.39 21.34 -3.99
C ILE C 111 16.01 21.98 -4.10
N GLN C 112 15.68 22.87 -3.16
CA GLN C 112 14.41 23.56 -3.17
C GLN C 112 14.26 24.50 -4.36
N SER C 113 13.01 24.94 -4.59
CA SER C 113 12.63 25.71 -5.76
C SER C 113 12.96 27.17 -5.62
N VAL C 114 12.84 27.70 -4.39
CA VAL C 114 12.99 29.12 -4.18
C VAL C 114 14.45 29.48 -3.98
N LEU C 115 15.30 28.47 -3.84
CA LEU C 115 16.70 28.72 -3.62
C LEU C 115 17.47 28.85 -4.93
N LEU C 116 16.87 28.46 -6.04
CA LEU C 116 17.53 28.63 -7.33
C LEU C 116 17.46 30.10 -7.73
N PRO C 117 18.57 30.67 -8.23
CA PRO C 117 18.59 32.10 -8.52
C PRO C 117 17.83 32.43 -9.80
N LYS C 118 17.78 33.72 -10.10
CA LYS C 118 16.92 34.23 -11.14
C LYS C 118 17.41 33.86 -12.54
N THR D 31 35.04 -18.86 16.55
CA THR D 31 33.65 -19.28 16.44
C THR D 31 33.20 -19.21 14.99
N ARG D 32 32.53 -20.26 14.55
CA ARG D 32 32.05 -20.38 13.16
C ARG D 32 30.66 -19.76 13.04
N LYS D 33 30.63 -18.53 12.53
CA LYS D 33 29.39 -17.75 12.50
C LYS D 33 28.63 -17.95 11.20
N GLU D 34 27.31 -17.73 11.23
CA GLU D 34 26.49 -17.90 10.05
C GLU D 34 26.01 -16.56 9.52
N SER D 35 25.72 -16.55 8.22
CA SER D 35 25.23 -15.36 7.52
C SER D 35 24.62 -15.82 6.21
N TYR D 36 24.06 -14.87 5.48
CA TYR D 36 23.50 -15.12 4.16
C TYR D 36 24.40 -14.60 3.07
N ALA D 37 25.71 -14.61 3.29
CA ALA D 37 26.64 -13.91 2.43
C ALA D 37 26.80 -14.60 1.08
N ILE D 38 26.59 -15.91 1.04
CA ILE D 38 26.79 -16.63 -0.21
C ILE D 38 25.53 -16.66 -1.03
N TYR D 39 24.37 -16.64 -0.39
CA TYR D 39 23.13 -16.87 -1.11
C TYR D 39 22.70 -15.65 -1.87
N VAL D 40 23.03 -14.47 -1.35
CA VAL D 40 22.73 -13.23 -2.06
C VAL D 40 23.64 -13.14 -3.28
N TYR D 41 24.83 -13.72 -3.19
CA TYR D 41 25.77 -13.62 -4.30
C TYR D 41 25.32 -14.48 -5.47
N LYS D 42 24.55 -15.55 -5.21
CA LYS D 42 23.96 -16.30 -6.30
C LYS D 42 22.82 -15.54 -6.94
N VAL D 43 22.00 -14.89 -6.11
CA VAL D 43 20.87 -14.14 -6.62
C VAL D 43 21.34 -12.89 -7.35
N LEU D 44 22.53 -12.40 -7.03
CA LEU D 44 23.09 -11.29 -7.78
C LEU D 44 23.49 -11.72 -9.18
N LYS D 45 23.96 -12.95 -9.34
CA LYS D 45 24.39 -13.38 -10.67
C LYS D 45 23.21 -13.79 -11.54
N GLN D 46 22.05 -14.05 -10.94
CA GLN D 46 20.87 -14.27 -11.76
C GLN D 46 20.40 -12.99 -12.43
N VAL D 47 20.62 -11.84 -11.81
CA VAL D 47 20.01 -10.61 -12.32
C VAL D 47 21.06 -9.73 -12.97
N HIS D 48 22.32 -9.90 -12.59
CA HIS D 48 23.45 -9.20 -13.21
C HIS D 48 24.67 -10.10 -13.15
N PRO D 49 25.01 -10.75 -14.26
CA PRO D 49 26.22 -11.55 -14.27
C PRO D 49 27.48 -10.71 -14.26
N ASP D 50 27.43 -9.56 -14.92
CA ASP D 50 28.60 -8.68 -15.00
C ASP D 50 28.57 -7.61 -13.91
N THR D 51 28.45 -8.02 -12.65
CA THR D 51 28.45 -7.10 -11.52
C THR D 51 28.78 -7.89 -10.25
N GLY D 52 29.72 -7.37 -9.46
CA GLY D 52 30.03 -7.90 -8.16
C GLY D 52 29.56 -6.96 -7.06
N ILE D 53 29.77 -7.40 -5.82
CA ILE D 53 29.28 -6.67 -4.66
C ILE D 53 30.35 -6.63 -3.58
N SER D 54 30.63 -5.43 -3.08
CA SER D 54 31.80 -5.25 -2.24
C SER D 54 31.55 -5.75 -0.83
N SER D 55 32.55 -5.60 0.02
CA SER D 55 32.47 -6.21 1.34
C SER D 55 31.85 -5.26 2.36
N LYS D 56 31.60 -4.02 1.96
CA LYS D 56 30.82 -3.13 2.82
C LYS D 56 29.34 -3.31 2.53
N ALA D 57 28.95 -3.27 1.27
CA ALA D 57 27.54 -3.41 0.91
C ALA D 57 27.12 -4.85 0.81
N MET D 58 27.95 -5.76 1.29
CA MET D 58 27.45 -7.10 1.56
C MET D 58 26.80 -7.14 2.94
N SER D 59 27.38 -6.42 3.89
CA SER D 59 26.90 -6.49 5.26
C SER D 59 25.57 -5.77 5.43
N ILE D 60 25.25 -4.86 4.51
CA ILE D 60 23.90 -4.30 4.51
C ILE D 60 22.89 -5.35 4.11
N MET D 61 23.14 -6.04 3.00
CA MET D 61 22.20 -7.06 2.53
C MET D 61 22.19 -8.27 3.46
N ASN D 62 23.25 -8.45 4.24
CA ASN D 62 23.18 -9.43 5.31
C ASN D 62 22.29 -8.95 6.44
N SER D 63 22.40 -7.67 6.80
CA SER D 63 21.60 -7.16 7.90
C SER D 63 20.16 -6.97 7.48
N PHE D 64 19.94 -6.74 6.19
CA PHE D 64 18.60 -6.54 5.67
C PHE D 64 17.74 -7.78 5.83
N VAL D 65 18.22 -8.92 5.33
CA VAL D 65 17.42 -10.13 5.35
C VAL D 65 17.26 -10.66 6.77
N ASN D 66 18.19 -10.31 7.65
CA ASN D 66 18.02 -10.63 9.06
C ASN D 66 16.93 -9.78 9.70
N ASP D 67 16.49 -8.73 9.01
CA ASP D 67 15.52 -7.82 9.61
C ASP D 67 14.12 -8.03 9.02
N VAL D 68 14.05 -8.36 7.74
CA VAL D 68 12.72 -8.59 7.16
C VAL D 68 12.18 -9.93 7.64
N PHE D 69 13.07 -10.85 7.96
CA PHE D 69 12.63 -12.13 8.51
C PHE D 69 12.06 -11.97 9.92
N GLU D 70 12.57 -11.01 10.69
CA GLU D 70 12.05 -10.85 12.05
C GLU D 70 10.72 -10.12 12.06
N ARG D 71 10.47 -9.28 11.07
CA ARG D 71 9.17 -8.63 11.00
C ARG D 71 8.08 -9.62 10.61
N ILE D 72 8.37 -10.50 9.66
CA ILE D 72 7.37 -11.44 9.16
C ILE D 72 7.13 -12.55 10.17
N ALA D 73 8.21 -13.09 10.74
CA ALA D 73 8.05 -14.13 11.75
C ALA D 73 7.68 -13.55 13.09
N GLY D 74 7.61 -12.23 13.18
CA GLY D 74 6.97 -11.61 14.33
C GLY D 74 5.46 -11.65 14.23
N GLU D 75 4.92 -11.37 13.04
CA GLU D 75 3.48 -11.33 12.86
C GLU D 75 2.85 -12.72 12.92
N ALA D 76 3.61 -13.74 12.52
CA ALA D 76 3.05 -15.08 12.58
C ALA D 76 2.96 -15.55 14.02
N SER D 77 3.74 -14.95 14.91
CA SER D 77 3.50 -15.15 16.33
C SER D 77 2.22 -14.47 16.76
N ARG D 78 2.02 -13.25 16.29
CA ARG D 78 0.86 -12.45 16.66
C ARG D 78 -0.46 -12.93 16.06
N LEU D 79 -0.39 -13.60 14.91
CA LEU D 79 -1.62 -14.06 14.27
C LEU D 79 -2.09 -15.38 14.86
N ALA D 80 -1.18 -16.16 15.40
CA ALA D 80 -1.56 -17.46 15.92
C ALA D 80 -2.25 -17.33 17.27
N HIS D 81 -1.77 -16.42 18.11
CA HIS D 81 -2.37 -16.21 19.41
C HIS D 81 -3.77 -15.64 19.30
N TYR D 82 -4.02 -14.86 18.26
CA TYR D 82 -5.31 -14.19 18.17
C TYR D 82 -6.41 -15.18 17.81
N ASN D 83 -6.05 -16.29 17.19
CA ASN D 83 -6.99 -17.38 16.95
C ASN D 83 -6.81 -18.50 17.95
N LYS D 84 -5.86 -18.33 18.87
CA LYS D 84 -5.59 -19.24 19.99
C LYS D 84 -5.24 -20.64 19.50
N ARG D 85 -4.49 -20.62 18.41
CA ARG D 85 -3.93 -21.81 17.80
C ARG D 85 -2.45 -21.80 18.13
N SER D 86 -1.77 -22.92 17.93
CA SER D 86 -0.35 -22.96 18.25
C SER D 86 0.50 -23.51 17.13
N THR D 87 0.18 -23.21 15.88
CA THR D 87 0.96 -23.69 14.75
C THR D 87 1.02 -22.61 13.69
N ILE D 88 2.22 -22.30 13.23
CA ILE D 88 2.39 -21.45 12.07
C ILE D 88 2.26 -22.35 10.84
N THR D 89 1.11 -22.28 10.18
CA THR D 89 0.96 -22.96 8.92
C THR D 89 1.60 -22.13 7.82
N SER D 90 1.39 -22.55 6.57
CA SER D 90 1.80 -21.71 5.45
C SER D 90 0.80 -20.61 5.20
N ARG D 91 -0.34 -20.63 5.88
CA ARG D 91 -1.40 -19.70 5.57
C ARG D 91 -1.20 -18.37 6.29
N GLU D 92 -0.56 -18.41 7.46
CA GLU D 92 -0.32 -17.18 8.21
C GLU D 92 0.72 -16.30 7.54
N ILE D 93 1.72 -16.93 6.95
CA ILE D 93 2.75 -16.20 6.22
C ILE D 93 2.14 -15.48 5.04
N GLN D 94 1.14 -16.09 4.42
CA GLN D 94 0.45 -15.47 3.30
C GLN D 94 -0.33 -14.24 3.74
N THR D 95 -0.85 -14.27 4.95
CA THR D 95 -1.58 -13.09 5.42
C THR D 95 -0.76 -12.26 6.40
N ALA D 96 0.46 -12.70 6.72
CA ALA D 96 1.37 -11.78 7.37
C ALA D 96 2.00 -10.86 6.33
N VAL D 97 2.25 -11.38 5.14
CA VAL D 97 2.84 -10.57 4.08
C VAL D 97 1.85 -9.52 3.59
N ARG D 98 0.56 -9.85 3.55
CA ARG D 98 -0.39 -8.88 3.03
C ARG D 98 -0.67 -7.76 4.03
N LEU D 99 -0.24 -7.92 5.28
CA LEU D 99 -0.29 -6.80 6.22
C LEU D 99 0.94 -5.93 6.11
N LEU D 100 2.10 -6.55 5.98
CA LEU D 100 3.32 -5.96 6.48
C LEU D 100 4.08 -5.18 5.43
N LEU D 101 3.95 -5.56 4.16
CA LEU D 101 4.52 -4.96 2.97
C LEU D 101 3.52 -3.96 2.38
N PRO D 102 3.92 -3.06 1.47
CA PRO D 102 2.96 -2.07 0.96
C PRO D 102 1.97 -2.68 -0.03
N GLY D 103 1.30 -1.82 -0.77
CA GLY D 103 0.30 -2.27 -1.71
C GLY D 103 0.83 -3.07 -2.88
N GLU D 104 1.61 -2.40 -3.74
CA GLU D 104 2.02 -2.97 -5.01
C GLU D 104 2.98 -4.14 -4.83
N LEU D 105 3.90 -4.01 -3.89
CA LEU D 105 4.95 -4.99 -3.70
C LEU D 105 4.39 -6.28 -3.12
N ALA D 106 3.29 -6.22 -2.39
CA ALA D 106 2.74 -7.43 -1.80
C ALA D 106 1.99 -8.24 -2.85
N LYS D 107 1.68 -7.63 -3.99
CA LYS D 107 0.92 -8.32 -5.00
C LYS D 107 1.77 -9.38 -5.69
N HIS D 108 3.04 -9.05 -5.96
CA HIS D 108 3.91 -10.03 -6.58
C HIS D 108 4.33 -11.09 -5.57
N ALA D 109 4.72 -10.65 -4.37
CA ALA D 109 5.40 -11.52 -3.42
C ALA D 109 4.49 -12.62 -2.91
N VAL D 110 3.20 -12.33 -2.76
CA VAL D 110 2.25 -13.38 -2.45
C VAL D 110 2.09 -14.33 -3.62
N SER D 111 2.06 -13.78 -4.83
CA SER D 111 1.93 -14.58 -6.05
C SER D 111 3.18 -15.42 -6.30
N GLU D 112 4.35 -14.86 -5.98
CA GLU D 112 5.61 -15.58 -6.10
C GLU D 112 5.72 -16.68 -5.07
N GLY D 113 5.01 -16.56 -3.97
CA GLY D 113 5.12 -17.56 -2.95
C GLY D 113 4.29 -18.79 -3.24
N THR D 114 3.13 -18.60 -3.86
CA THR D 114 2.18 -19.70 -3.98
C THR D 114 2.68 -20.75 -4.94
N LYS D 115 3.22 -20.30 -6.07
CA LYS D 115 3.85 -21.10 -7.10
C LYS D 115 4.98 -21.96 -6.55
N ALA D 116 5.77 -21.39 -5.63
CA ALA D 116 6.84 -22.16 -5.02
C ALA D 116 6.31 -23.26 -4.12
N VAL D 117 5.20 -23.03 -3.44
CA VAL D 117 4.54 -24.10 -2.72
C VAL D 117 3.94 -25.10 -3.70
N THR D 118 3.37 -24.59 -4.79
CA THR D 118 2.79 -25.44 -5.83
C THR D 118 3.84 -26.35 -6.46
N CYS D 119 5.00 -25.77 -6.73
CA CYS D 119 6.13 -26.52 -7.28
C CYS D 119 6.61 -27.50 -6.24
N TYR D 120 6.45 -27.16 -4.96
CA TYR D 120 6.88 -28.06 -3.90
C TYR D 120 5.91 -29.22 -3.75
N THR D 121 4.65 -29.05 -4.17
CA THR D 121 3.68 -30.13 -4.02
C THR D 121 3.87 -31.28 -5.00
N SER D 122 4.33 -31.02 -6.22
CA SER D 122 4.62 -32.12 -7.14
C SER D 122 5.87 -32.85 -6.68
N ALA D 123 6.83 -32.11 -6.15
CA ALA D 123 8.02 -32.74 -5.59
C ALA D 123 7.81 -33.06 -4.11
N HIS E 39 38.55 36.93 -8.91
CA HIS E 39 37.71 38.10 -8.69
C HIS E 39 36.76 37.87 -7.52
N ARG E 40 35.62 38.56 -7.53
CA ARG E 40 34.67 38.51 -6.44
C ARG E 40 33.39 37.82 -6.88
N TYR E 41 32.90 36.92 -6.04
CA TYR E 41 31.61 36.27 -6.23
C TYR E 41 30.49 37.09 -5.61
N ARG E 42 29.27 36.89 -6.10
CA ARG E 42 28.10 37.42 -5.41
C ARG E 42 27.94 36.68 -4.09
N PRO E 43 27.36 37.30 -3.07
CA PRO E 43 27.03 36.56 -1.86
C PRO E 43 25.94 35.53 -2.09
N GLY E 44 26.23 34.26 -1.83
CA GLY E 44 25.27 33.20 -2.05
C GLY E 44 25.50 32.39 -3.30
N THR E 45 26.59 32.62 -4.03
CA THR E 45 26.88 31.84 -5.22
C THR E 45 27.74 30.63 -4.90
N VAL E 46 28.62 30.75 -3.92
CA VAL E 46 29.40 29.60 -3.47
C VAL E 46 28.51 28.60 -2.76
N ALA E 47 27.50 29.09 -2.03
CA ALA E 47 26.69 28.23 -1.20
C ALA E 47 25.83 27.30 -2.04
N LEU E 48 25.45 27.73 -3.24
CA LEU E 48 24.74 26.83 -4.14
C LEU E 48 25.70 25.87 -4.82
N ARG E 49 27.00 26.05 -4.62
CA ARG E 49 27.95 25.04 -5.08
C ARG E 49 28.36 24.15 -3.93
N GLU E 50 28.37 24.68 -2.70
CA GLU E 50 28.69 23.87 -1.53
C GLU E 50 27.61 22.83 -1.27
N ILE E 51 26.38 23.11 -1.67
CA ILE E 51 25.32 22.10 -1.63
C ILE E 51 25.64 20.96 -2.57
N ARG E 52 25.90 21.29 -3.85
CA ARG E 52 26.08 20.29 -4.89
C ARG E 52 27.31 19.44 -4.64
N ARG E 53 28.31 20.01 -3.97
CA ARG E 53 29.49 19.25 -3.62
C ARG E 53 29.17 18.23 -2.54
N TYR E 54 28.34 18.62 -1.57
CA TYR E 54 28.07 17.80 -0.40
C TYR E 54 26.92 16.84 -0.58
N GLN E 55 26.00 17.11 -1.49
CA GLN E 55 24.98 16.11 -1.74
C GLN E 55 25.42 15.07 -2.75
N LYS E 56 26.68 15.08 -3.17
CA LYS E 56 27.21 13.99 -3.96
C LYS E 56 28.22 13.15 -3.20
N SER E 57 28.53 13.50 -1.97
CA SER E 57 29.59 12.82 -1.24
C SER E 57 29.02 11.97 -0.11
N THR E 58 29.90 11.20 0.51
CA THR E 58 29.53 10.21 1.52
C THR E 58 30.27 10.38 2.84
N GLU E 59 31.36 11.13 2.86
CA GLU E 59 32.26 11.11 4.00
C GLU E 59 31.68 11.86 5.19
N LEU E 60 32.18 11.53 6.37
CA LEU E 60 31.61 12.03 7.61
C LEU E 60 31.98 13.49 7.82
N LEU E 61 30.96 14.29 8.08
CA LEU E 61 31.14 15.73 8.09
C LEU E 61 31.64 16.26 9.42
N ILE E 62 31.57 15.49 10.49
CA ILE E 62 32.13 15.90 11.77
C ILE E 62 33.30 15.00 12.07
N ARG E 63 34.48 15.61 12.12
CA ARG E 63 35.75 14.91 12.35
C ARG E 63 35.58 13.72 13.26
N LYS E 64 36.63 12.94 13.45
CA LYS E 64 36.47 11.78 14.33
C LYS E 64 36.82 12.10 15.77
N LEU E 65 37.75 12.98 15.98
CA LEU E 65 38.36 13.09 17.28
C LEU E 65 37.59 13.90 18.34
N PRO E 66 36.99 15.06 18.06
CA PRO E 66 36.28 15.75 19.15
C PRO E 66 34.97 15.08 19.49
N PHE E 67 34.35 14.44 18.49
CA PHE E 67 33.11 13.73 18.72
C PHE E 67 33.33 12.54 19.65
N GLN E 68 34.49 11.91 19.55
CA GLN E 68 34.81 10.80 20.43
C GLN E 68 35.03 11.28 21.86
N ARG E 69 35.69 12.44 22.02
CA ARG E 69 35.90 12.96 23.36
C ARG E 69 34.63 13.60 23.92
N LEU E 70 33.61 13.77 23.09
CA LEU E 70 32.32 14.18 23.61
C LEU E 70 31.59 13.01 24.24
N VAL E 71 31.69 11.84 23.62
CA VAL E 71 30.92 10.69 24.09
C VAL E 71 31.45 10.20 25.41
N ARG E 72 32.76 10.29 25.60
CA ARG E 72 33.36 9.79 26.83
C ARG E 72 33.06 10.71 28.01
N GLU E 73 32.68 11.96 27.73
CA GLU E 73 32.08 12.79 28.77
C GLU E 73 30.76 12.22 29.26
N ILE E 74 29.85 11.95 28.34
CA ILE E 74 28.47 11.70 28.71
C ILE E 74 28.32 10.32 29.31
N ALA E 75 29.14 9.38 28.85
CA ALA E 75 29.13 8.05 29.44
C ALA E 75 29.73 8.05 30.84
N GLN E 76 30.46 9.10 31.19
CA GLN E 76 31.07 9.14 32.50
C GLN E 76 30.03 9.44 33.58
N ASP E 77 28.95 10.13 33.21
CA ASP E 77 27.93 10.44 34.19
C ASP E 77 27.07 9.23 34.54
N PHE E 78 27.18 8.14 33.79
CA PHE E 78 26.40 6.95 34.08
C PHE E 78 27.19 5.87 34.79
N LYS E 79 28.48 5.78 34.53
CA LYS E 79 29.32 4.70 35.04
C LYS E 79 30.76 5.09 34.79
N THR E 80 31.67 4.65 35.65
CA THR E 80 33.07 4.97 35.46
C THR E 80 33.81 3.81 34.82
N ASP E 81 34.84 4.17 34.05
CA ASP E 81 35.73 3.26 33.31
C ASP E 81 34.95 2.40 32.32
N LEU E 82 34.39 3.08 31.32
CA LEU E 82 33.71 2.41 30.23
C LEU E 82 34.57 2.41 28.98
N ARG E 83 34.93 1.23 28.51
CA ARG E 83 35.72 1.10 27.31
C ARG E 83 34.80 0.99 26.10
N PHE E 84 35.14 1.71 25.06
CA PHE E 84 34.37 1.70 23.83
C PHE E 84 35.13 0.96 22.76
N GLN E 85 34.47 0.05 22.05
CA GLN E 85 35.07 -0.47 20.84
C GLN E 85 35.19 0.64 19.80
N SER E 86 36.07 0.43 18.83
CA SER E 86 36.30 1.43 17.81
C SER E 86 35.08 1.62 16.93
N SER E 87 34.36 0.55 16.65
CA SER E 87 33.18 0.67 15.82
C SER E 87 31.97 1.13 16.62
N ALA E 88 32.05 1.10 17.94
CA ALA E 88 30.91 1.51 18.74
C ALA E 88 30.88 3.00 18.95
N VAL E 89 31.84 3.73 18.39
CA VAL E 89 31.72 5.18 18.30
C VAL E 89 31.34 5.57 16.88
N MET E 90 31.76 4.75 15.91
CA MET E 90 31.36 4.92 14.52
C MET E 90 29.86 4.83 14.37
N ALA E 91 29.23 3.94 15.14
CA ALA E 91 27.79 3.77 15.04
C ALA E 91 27.05 4.98 15.59
N LEU E 92 27.65 5.66 16.56
CA LEU E 92 27.05 6.88 17.05
C LEU E 92 27.22 8.00 16.06
N GLN E 93 28.30 7.96 15.30
CA GLN E 93 28.54 9.05 14.37
C GLN E 93 27.71 8.86 13.11
N GLU E 94 27.41 7.62 12.76
CA GLU E 94 26.46 7.39 11.68
C GLU E 94 25.05 7.75 12.08
N ALA E 95 24.77 7.71 13.39
CA ALA E 95 23.44 8.08 13.83
C ALA E 95 23.31 9.58 13.97
N SER E 96 24.26 10.22 14.66
CA SER E 96 24.10 11.61 15.08
C SER E 96 24.25 12.57 13.92
N GLU E 97 24.96 12.18 12.87
CA GLU E 97 24.88 12.94 11.63
C GLU E 97 23.52 12.74 11.00
N ALA E 98 23.17 11.49 10.68
CA ALA E 98 21.97 11.18 9.92
C ALA E 98 20.69 11.45 10.69
N TYR E 99 20.80 11.79 11.97
CA TYR E 99 19.68 12.40 12.66
C TYR E 99 19.65 13.90 12.43
N LEU E 100 20.80 14.56 12.45
CA LEU E 100 20.80 16.01 12.26
C LEU E 100 20.57 16.40 10.81
N VAL E 101 21.06 15.60 9.86
CA VAL E 101 20.86 15.90 8.45
C VAL E 101 19.39 15.78 8.11
N ALA E 102 18.68 14.90 8.81
CA ALA E 102 17.23 14.79 8.64
C ALA E 102 16.53 15.99 9.22
N LEU E 103 17.14 16.62 10.22
CA LEU E 103 16.48 17.69 10.94
C LEU E 103 16.46 18.97 10.12
N PHE E 104 17.55 19.26 9.42
CA PHE E 104 17.64 20.50 8.66
C PHE E 104 16.85 20.40 7.37
N GLU E 105 16.58 19.18 6.91
CA GLU E 105 15.64 19.00 5.81
C GLU E 105 14.24 19.38 6.26
N ASP E 106 13.89 19.00 7.48
CA ASP E 106 12.55 19.35 7.95
C ASP E 106 12.48 20.79 8.43
N THR E 107 13.62 21.35 8.84
CA THR E 107 13.63 22.74 9.26
C THR E 107 13.47 23.66 8.07
N ASN E 108 14.09 23.31 6.96
CA ASN E 108 14.08 24.19 5.80
C ASN E 108 12.71 24.20 5.13
N LEU E 109 11.89 23.20 5.41
CA LEU E 109 10.50 23.25 4.96
C LEU E 109 9.71 24.28 5.73
N CYS E 110 10.09 24.54 6.97
CA CYS E 110 9.35 25.51 7.78
C CYS E 110 9.64 26.92 7.30
N ALA E 111 10.90 27.23 7.01
CA ALA E 111 11.27 28.61 6.76
C ALA E 111 10.79 29.07 5.40
N ILE E 112 10.72 28.15 4.44
CA ILE E 112 10.16 28.49 3.14
C ILE E 112 8.67 28.72 3.26
N HIS E 113 8.04 27.98 4.16
CA HIS E 113 6.63 28.15 4.44
C HIS E 113 6.32 29.51 5.04
N ALA E 114 7.27 30.12 5.73
CA ALA E 114 7.06 31.43 6.35
C ALA E 114 7.68 32.56 5.54
N LYS E 115 7.80 32.39 4.22
CA LYS E 115 8.27 33.41 3.26
C LYS E 115 9.67 33.92 3.57
N ARG E 116 10.55 33.07 4.06
CA ARG E 116 11.91 33.50 4.35
C ARG E 116 12.89 32.60 3.61
N VAL E 117 14.18 32.80 3.87
CA VAL E 117 15.21 31.90 3.37
C VAL E 117 16.01 31.43 4.59
N THR E 118 16.11 32.29 5.58
CA THR E 118 17.02 32.11 6.69
C THR E 118 16.36 31.23 7.75
N ILE E 119 17.05 30.22 8.19
CA ILE E 119 16.54 29.40 9.28
C ILE E 119 16.90 30.08 10.60
N MET E 120 16.09 29.86 11.62
CA MET E 120 16.17 30.57 12.89
C MET E 120 15.76 29.64 14.01
N PRO E 121 16.23 29.88 15.24
CA PRO E 121 15.96 28.92 16.31
C PRO E 121 14.53 28.87 16.81
N LYS E 122 13.58 29.52 16.15
CA LYS E 122 12.19 29.19 16.43
C LYS E 122 11.74 28.01 15.60
N ASP E 123 12.52 27.62 14.60
CA ASP E 123 12.09 26.60 13.66
C ASP E 123 12.49 25.22 14.15
N ILE E 124 13.68 25.09 14.70
CA ILE E 124 14.15 23.86 15.29
C ILE E 124 13.30 23.57 16.52
N GLN E 125 12.90 24.63 17.22
CA GLN E 125 11.96 24.44 18.31
C GLN E 125 10.56 24.13 17.79
N LEU E 126 10.28 24.49 16.54
CA LEU E 126 9.02 24.05 15.95
C LEU E 126 9.10 22.63 15.41
N ALA E 127 10.11 22.35 14.59
CA ALA E 127 10.15 21.10 13.84
C ALA E 127 10.29 19.91 14.77
N ARG E 128 10.93 20.11 15.91
CA ARG E 128 11.11 19.03 16.86
C ARG E 128 9.83 18.81 17.67
N ARG E 129 8.89 19.75 17.57
CA ARG E 129 7.67 19.71 18.36
C ARG E 129 6.56 18.96 17.65
N ILE E 130 6.49 19.08 16.33
CA ILE E 130 5.41 18.45 15.59
C ILE E 130 5.61 16.93 15.52
N ARG E 131 6.86 16.49 15.58
CA ARG E 131 7.12 15.06 15.63
C ARG E 131 6.72 14.44 16.95
N GLY E 132 6.53 15.26 17.98
CA GLY E 132 6.28 14.71 19.30
C GLY E 132 7.52 14.22 19.99
N GLU E 133 8.70 14.55 19.47
CA GLU E 133 9.94 14.20 20.15
C GLU E 133 10.17 15.15 21.33
N ARG E 134 9.63 16.35 21.21
CA ARG E 134 9.41 17.21 22.35
C ARG E 134 7.95 17.11 22.76
N ALA E 135 7.68 17.35 24.04
CA ALA E 135 6.31 17.56 24.47
C ALA E 135 5.80 18.87 23.89
N ASN F 25 34.23 20.65 24.92
CA ASN F 25 33.90 19.34 24.36
C ASN F 25 32.73 19.48 23.41
N ILE F 26 31.57 19.89 23.95
CA ILE F 26 30.48 20.35 23.10
C ILE F 26 30.86 21.66 22.44
N GLN F 27 31.79 22.39 23.05
CA GLN F 27 32.40 23.55 22.44
C GLN F 27 33.24 23.14 21.25
N GLY F 28 33.76 21.91 21.30
CA GLY F 28 34.59 21.40 20.23
C GLY F 28 33.85 21.14 18.94
N ILE F 29 32.54 20.93 18.99
CA ILE F 29 31.76 20.86 17.76
C ILE F 29 31.70 22.26 17.21
N THR F 30 32.28 22.46 16.05
CA THR F 30 32.72 23.79 15.67
C THR F 30 31.58 24.62 15.13
N LYS F 31 31.95 25.76 14.57
CA LYS F 31 31.02 26.53 13.74
C LYS F 31 30.94 26.05 12.28
N PRO F 32 32.02 25.76 11.55
CA PRO F 32 31.81 25.31 10.16
C PRO F 32 31.29 23.90 10.01
N ALA F 33 31.45 23.04 11.01
CA ALA F 33 30.95 21.68 10.86
C ALA F 33 29.43 21.65 10.82
N ILE F 34 28.79 22.44 11.68
CA ILE F 34 27.35 22.62 11.61
C ILE F 34 26.99 23.31 10.31
N ARG F 35 27.86 24.17 9.81
CA ARG F 35 27.63 24.71 8.49
C ARG F 35 27.87 23.66 7.41
N ARG F 36 28.65 22.62 7.71
CA ARG F 36 28.81 21.57 6.71
C ARG F 36 27.61 20.63 6.70
N LEU F 37 26.97 20.42 7.85
CA LEU F 37 25.79 19.56 7.88
C LEU F 37 24.61 20.23 7.22
N ALA F 38 24.42 21.51 7.48
CA ALA F 38 23.22 22.18 6.99
C ALA F 38 23.28 22.39 5.49
N ARG F 39 24.47 22.40 4.90
CA ARG F 39 24.54 22.45 3.45
C ARG F 39 24.14 21.12 2.85
N ARG F 40 24.36 20.02 3.58
CA ARG F 40 23.88 18.74 3.07
C ARG F 40 22.36 18.68 3.09
N GLY F 41 21.73 19.32 4.07
CA GLY F 41 20.29 19.27 4.16
C GLY F 41 19.58 20.12 3.13
N GLY F 42 20.29 21.03 2.50
CA GLY F 42 19.68 21.93 1.54
C GLY F 42 19.46 23.33 2.05
N VAL F 43 20.01 23.68 3.19
CA VAL F 43 19.83 25.01 3.76
C VAL F 43 20.76 25.96 3.02
N LYS F 44 20.26 27.16 2.71
CA LYS F 44 21.05 28.15 1.99
C LYS F 44 21.61 29.23 2.91
N ARG F 45 20.82 29.73 3.85
CA ARG F 45 21.26 30.86 4.66
C ARG F 45 20.93 30.61 6.11
N ILE F 46 21.94 30.71 6.97
CA ILE F 46 21.88 30.25 8.35
C ILE F 46 22.05 31.44 9.26
N SER F 47 21.24 31.52 10.31
CA SER F 47 21.40 32.58 11.30
C SER F 47 22.55 32.28 12.26
N GLY F 48 22.64 33.10 13.31
CA GLY F 48 23.80 33.03 14.18
C GLY F 48 23.51 32.31 15.48
N LEU F 49 22.25 32.26 15.89
CA LEU F 49 21.92 31.56 17.13
C LEU F 49 21.58 30.11 16.91
N ILE F 50 21.87 29.57 15.72
CA ILE F 50 21.68 28.15 15.48
C ILE F 50 22.78 27.36 16.19
N TYR F 51 23.91 28.01 16.41
CA TYR F 51 25.13 27.28 16.74
C TYR F 51 25.16 26.87 18.20
N GLU F 52 24.33 27.50 19.02
CA GLU F 52 24.13 26.98 20.37
C GLU F 52 22.82 26.25 20.47
N GLU F 53 21.99 26.36 19.45
CA GLU F 53 20.79 25.53 19.39
C GLU F 53 21.17 24.11 19.04
N THR F 54 21.98 23.95 17.99
CA THR F 54 22.25 22.62 17.45
C THR F 54 23.25 21.88 18.31
N ARG F 55 24.06 22.59 19.08
CA ARG F 55 24.81 21.93 20.13
C ARG F 55 23.87 21.41 21.21
N GLY F 56 22.78 22.12 21.44
CA GLY F 56 21.85 21.71 22.49
C GLY F 56 21.00 20.53 22.09
N VAL F 57 20.67 20.44 20.80
CA VAL F 57 19.86 19.33 20.31
C VAL F 57 20.66 18.04 20.37
N LEU F 58 21.93 18.14 20.03
CA LEU F 58 22.78 16.95 19.97
C LEU F 58 23.05 16.40 21.35
N LYS F 59 23.24 17.27 22.33
CA LYS F 59 23.63 16.84 23.66
C LYS F 59 22.49 16.13 24.36
N VAL F 60 21.26 16.47 23.98
CA VAL F 60 20.10 15.70 24.42
C VAL F 60 20.15 14.30 23.85
N PHE F 61 20.39 14.21 22.54
CA PHE F 61 20.14 12.99 21.77
C PHE F 61 21.01 11.84 22.21
N LEU F 62 22.24 12.15 22.63
CA LEU F 62 23.12 11.06 23.03
C LEU F 62 22.81 10.58 24.44
N GLU F 63 22.12 11.40 25.22
CA GLU F 63 21.75 10.98 26.56
C GLU F 63 20.56 10.02 26.50
N ASN F 64 19.89 9.94 25.37
CA ASN F 64 18.91 8.88 25.21
C ASN F 64 19.57 7.59 24.75
N VAL F 65 20.56 7.69 23.87
CA VAL F 65 21.15 6.50 23.30
C VAL F 65 22.07 5.82 24.29
N ILE F 66 23.04 6.57 24.84
CA ILE F 66 24.09 5.96 25.64
C ILE F 66 23.54 5.45 26.95
N ARG F 67 22.49 6.07 27.47
CA ARG F 67 21.85 5.56 28.68
C ARG F 67 21.22 4.20 28.42
N ASP F 68 20.69 4.00 27.23
CA ASP F 68 20.20 2.68 26.88
C ASP F 68 21.34 1.76 26.53
N ALA F 69 22.42 2.31 25.98
CA ALA F 69 23.55 1.49 25.58
C ALA F 69 24.28 0.94 26.79
N VAL F 70 24.39 1.75 27.84
CA VAL F 70 25.08 1.33 29.05
C VAL F 70 24.27 0.26 29.77
N THR F 71 22.95 0.37 29.71
CA THR F 71 22.07 -0.55 30.44
C THR F 71 22.09 -1.95 29.83
N TYR F 72 22.39 -2.08 28.54
CA TYR F 72 22.68 -3.41 28.03
C TYR F 72 24.03 -3.89 28.54
N THR F 73 24.98 -2.98 28.71
CA THR F 73 26.34 -3.38 29.04
C THR F 73 26.47 -3.70 30.51
N GLU F 74 25.74 -2.98 31.36
CA GLU F 74 25.53 -3.38 32.75
C GLU F 74 25.03 -4.80 32.86
N HIS F 75 24.06 -5.17 32.03
CA HIS F 75 23.43 -6.45 32.18
C HIS F 75 24.30 -7.61 31.71
N ALA F 76 25.16 -7.38 30.73
CA ALA F 76 25.99 -8.47 30.23
C ALA F 76 27.19 -8.74 31.10
N LYS F 77 27.30 -8.08 32.26
CA LYS F 77 28.43 -8.17 33.19
C LYS F 77 29.75 -7.86 32.49
N ARG F 78 29.80 -6.71 31.84
CA ARG F 78 30.98 -6.30 31.11
C ARG F 78 31.21 -4.82 31.34
N LYS F 79 32.32 -4.33 30.81
CA LYS F 79 32.67 -2.92 30.91
C LYS F 79 33.02 -2.34 29.57
N THR F 80 32.89 -3.13 28.51
CA THR F 80 33.39 -2.80 27.18
C THR F 80 32.18 -2.67 26.27
N VAL F 81 31.80 -1.44 25.94
CA VAL F 81 30.62 -1.21 25.13
C VAL F 81 30.88 -1.67 23.70
N THR F 82 30.27 -2.78 23.32
CA THR F 82 30.50 -3.33 21.99
C THR F 82 29.73 -2.54 20.95
N ALA F 83 29.89 -2.95 19.70
CA ALA F 83 29.17 -2.30 18.62
C ALA F 83 27.71 -2.68 18.64
N MET F 84 27.40 -3.86 19.17
CA MET F 84 26.03 -4.32 19.18
C MET F 84 25.15 -3.53 20.12
N ASP F 85 25.72 -3.02 21.21
CA ASP F 85 24.89 -2.36 22.22
C ASP F 85 24.40 -1.02 21.73
N VAL F 86 25.10 -0.42 20.78
CA VAL F 86 24.63 0.83 20.21
C VAL F 86 23.55 0.55 19.17
N VAL F 87 23.67 -0.58 18.49
CA VAL F 87 22.67 -0.94 17.49
C VAL F 87 21.36 -1.34 18.16
N TYR F 88 21.43 -2.09 19.27
CA TYR F 88 20.20 -2.47 19.94
C TYR F 88 19.55 -1.30 20.64
N ALA F 89 20.28 -0.24 20.90
CA ALA F 89 19.62 0.95 21.41
C ALA F 89 18.84 1.64 20.31
N LEU F 90 19.39 1.67 19.11
CA LEU F 90 18.75 2.42 18.03
C LEU F 90 17.60 1.64 17.42
N LYS F 91 17.61 0.31 17.54
CA LYS F 91 16.45 -0.46 17.13
C LYS F 91 15.27 -0.18 18.03
N ARG F 92 15.53 -0.15 19.32
CA ARG F 92 14.48 0.02 20.32
C ARG F 92 13.92 1.43 20.30
N GLN F 93 14.77 2.40 20.00
CA GLN F 93 14.38 3.77 19.70
C GLN F 93 13.44 3.90 18.51
N GLY F 94 13.48 2.95 17.58
CA GLY F 94 12.79 3.14 16.33
C GLY F 94 13.63 3.88 15.32
N ARG F 95 14.95 3.80 15.42
CA ARG F 95 15.86 4.49 14.52
C ARG F 95 16.81 3.49 13.90
N THR F 96 16.27 2.41 13.33
CA THR F 96 16.97 1.18 12.97
C THR F 96 18.16 1.42 12.06
N LEU F 97 19.25 0.72 12.33
CA LEU F 97 20.52 0.94 11.67
C LEU F 97 20.95 -0.32 10.93
N TYR F 98 21.33 -0.16 9.67
CA TYR F 98 21.81 -1.27 8.86
C TYR F 98 23.30 -1.12 8.62
N GLY F 99 24.01 -2.21 8.78
CA GLY F 99 25.40 -2.25 8.41
C GLY F 99 26.38 -2.32 9.52
N PHE F 100 26.02 -2.94 10.65
CA PHE F 100 26.99 -3.20 11.71
C PHE F 100 26.78 -4.56 12.31
N GLY F 101 26.26 -5.50 11.53
CA GLY F 101 26.07 -6.84 12.01
C GLY F 101 24.83 -6.98 12.86
N GLY F 102 23.66 -6.74 12.26
CA GLY F 102 22.40 -6.93 12.95
C GLY F 102 21.99 -8.37 13.14
N ALA G 14 0.62 -16.78 54.56
CA ALA G 14 -0.31 -17.87 54.33
C ALA G 14 0.18 -18.75 53.21
N LYS G 15 -0.68 -19.67 52.77
CA LYS G 15 -0.34 -20.59 51.70
C LYS G 15 -0.23 -19.91 50.35
N THR G 16 -0.87 -18.75 50.20
CA THR G 16 -0.78 -17.97 48.98
C THR G 16 0.61 -17.40 48.82
N ARG G 17 1.14 -17.41 47.60
CA ARG G 17 2.40 -16.72 47.37
C ARG G 17 2.21 -15.21 47.35
N SER G 18 0.98 -14.73 47.24
CA SER G 18 0.75 -13.29 47.25
C SER G 18 0.99 -12.71 48.63
N SER G 19 0.51 -13.38 49.67
CA SER G 19 0.60 -12.81 51.00
C SER G 19 1.95 -13.08 51.63
N ARG G 20 2.67 -14.08 51.12
CA ARG G 20 4.04 -14.31 51.58
C ARG G 20 4.96 -13.17 51.19
N ALA G 21 4.63 -12.47 50.11
CA ALA G 21 5.40 -11.31 49.68
C ALA G 21 4.71 -10.00 50.02
N GLY G 22 3.46 -10.04 50.46
CA GLY G 22 2.77 -8.83 50.81
C GLY G 22 2.32 -8.01 49.62
N LEU G 23 1.75 -8.70 48.63
CA LEU G 23 1.34 -8.06 47.40
C LEU G 23 -0.16 -8.21 47.20
N GLN G 24 -0.68 -7.49 46.21
CA GLN G 24 -2.08 -7.64 45.89
C GLN G 24 -2.27 -8.48 44.64
N PHE G 25 -1.58 -8.12 43.54
CA PHE G 25 -1.71 -8.75 42.22
C PHE G 25 -1.30 -10.21 42.28
N PRO G 26 -2.02 -11.09 41.56
CA PRO G 26 -1.86 -12.53 41.76
C PRO G 26 -0.58 -13.09 41.17
N VAL G 27 0.35 -13.43 42.06
CA VAL G 27 1.67 -13.87 41.66
C VAL G 27 1.61 -15.26 41.05
N GLY G 28 0.55 -16.01 41.33
CA GLY G 28 0.42 -17.30 40.68
C GLY G 28 0.00 -17.18 39.23
N ARG G 29 -0.78 -16.16 38.89
CA ARG G 29 -1.31 -16.04 37.54
C ARG G 29 -0.21 -15.59 36.57
N VAL G 30 0.64 -14.69 37.02
CA VAL G 30 1.70 -14.13 36.18
C VAL G 30 2.72 -15.20 35.82
N HIS G 31 2.95 -16.13 36.75
CA HIS G 31 3.82 -17.26 36.48
C HIS G 31 3.22 -18.18 35.43
N ARG G 32 1.90 -18.15 35.27
CA ARG G 32 1.30 -18.87 34.15
C ARG G 32 1.50 -18.09 32.87
N LEU G 33 1.27 -16.78 32.90
CA LEU G 33 1.22 -16.02 31.67
C LEU G 33 2.60 -15.76 31.09
N LEU G 34 3.65 -15.93 31.89
CA LEU G 34 4.97 -15.94 31.30
C LEU G 34 5.23 -17.26 30.59
N ARG G 35 4.47 -18.30 30.92
CA ARG G 35 4.74 -19.58 30.27
C ARG G 35 3.93 -19.75 29.00
N LYS G 36 2.60 -19.65 29.07
CA LYS G 36 1.81 -19.82 27.86
C LYS G 36 1.74 -18.54 27.04
N GLY G 37 2.89 -17.95 26.74
CA GLY G 37 2.97 -16.82 25.85
C GLY G 37 4.15 -16.95 24.93
N ASN G 38 4.96 -17.98 25.17
CA ASN G 38 6.21 -18.23 24.46
C ASN G 38 7.14 -17.04 24.51
N TYR G 39 7.32 -16.51 25.72
CA TYR G 39 8.29 -15.45 25.95
C TYR G 39 9.67 -16.00 26.19
N ALA G 40 9.80 -17.04 26.99
CA ALA G 40 10.99 -17.87 27.02
C ALA G 40 10.59 -19.22 27.59
N GLU G 41 11.56 -20.14 27.58
CA GLU G 41 11.34 -21.52 28.00
C GLU G 41 11.22 -21.66 29.50
N ARG G 42 12.26 -21.25 30.21
CA ARG G 42 12.40 -21.51 31.62
C ARG G 42 12.27 -20.20 32.38
N VAL G 43 11.37 -20.17 33.35
CA VAL G 43 11.01 -18.95 34.05
C VAL G 43 11.57 -19.03 35.46
N GLY G 44 12.52 -18.14 35.76
CA GLY G 44 13.18 -18.12 37.04
C GLY G 44 12.25 -17.82 38.20
N ALA G 45 12.66 -18.15 39.43
CA ALA G 45 11.78 -17.99 40.58
C ALA G 45 11.54 -16.54 40.96
N GLY G 46 12.45 -15.64 40.64
CA GLY G 46 12.25 -14.27 41.04
C GLY G 46 11.42 -13.51 40.04
N ALA G 47 11.10 -14.15 38.91
CA ALA G 47 10.48 -13.43 37.80
C ALA G 47 9.04 -13.01 38.03
N PRO G 48 8.11 -13.83 38.53
CA PRO G 48 6.75 -13.29 38.69
C PRO G 48 6.62 -12.34 39.86
N VAL G 49 7.34 -12.58 40.94
CA VAL G 49 7.19 -11.77 42.16
C VAL G 49 7.71 -10.37 41.93
N TYR G 50 8.88 -10.27 41.31
CA TYR G 50 9.47 -8.96 41.04
C TYR G 50 8.67 -8.21 39.98
N LEU G 51 8.05 -8.94 39.06
CA LEU G 51 7.25 -8.26 38.06
C LEU G 51 5.96 -7.73 38.64
N ALA G 52 5.24 -8.55 39.40
CA ALA G 52 3.88 -8.19 39.80
C ALA G 52 3.88 -7.05 40.80
N ALA G 53 5.01 -6.77 41.42
CA ALA G 53 5.13 -5.56 42.23
C ALA G 53 5.14 -4.33 41.36
N VAL G 54 5.76 -4.42 40.19
CA VAL G 54 5.91 -3.23 39.33
C VAL G 54 4.58 -2.85 38.73
N LEU G 55 3.75 -3.84 38.40
CA LEU G 55 2.41 -3.56 37.91
C LEU G 55 1.57 -2.90 38.97
N GLU G 56 1.77 -3.27 40.22
CA GLU G 56 0.99 -2.71 41.31
C GLU G 56 1.31 -1.25 41.51
N TYR G 57 2.57 -0.87 41.33
CA TYR G 57 2.99 0.50 41.57
C TYR G 57 2.45 1.46 40.52
N LEU G 58 2.39 1.02 39.27
CA LEU G 58 1.97 1.91 38.21
C LEU G 58 0.46 2.15 38.25
N THR G 59 -0.31 1.12 38.60
CA THR G 59 -1.75 1.29 38.66
C THR G 59 -2.16 2.09 39.87
N ALA G 60 -1.44 1.93 40.99
CA ALA G 60 -1.72 2.74 42.17
C ALA G 60 -1.29 4.18 41.96
N GLU G 61 -0.37 4.40 41.03
CA GLU G 61 0.11 5.73 40.70
C GLU G 61 -0.97 6.52 39.98
N ILE G 62 -1.79 5.84 39.20
CA ILE G 62 -2.81 6.54 38.41
C ILE G 62 -4.03 6.83 39.27
N LEU G 63 -4.46 5.83 40.06
CA LEU G 63 -5.68 5.95 40.82
C LEU G 63 -5.53 6.94 41.96
N GLU G 64 -4.30 7.18 42.40
CA GLU G 64 -4.02 8.34 43.22
C GLU G 64 -4.28 9.62 42.46
N LEU G 65 -3.68 9.75 41.27
CA LEU G 65 -3.75 11.01 40.55
C LEU G 65 -5.11 11.22 39.92
N ALA G 66 -5.86 10.16 39.69
CA ALA G 66 -7.25 10.34 39.28
C ALA G 66 -8.09 10.77 40.46
N GLY G 67 -7.79 10.22 41.65
CA GLY G 67 -8.55 10.57 42.83
C GLY G 67 -8.34 12.01 43.26
N ASN G 68 -7.18 12.57 42.97
CA ASN G 68 -6.97 13.99 43.24
C ASN G 68 -7.70 14.85 42.23
N ALA G 69 -7.99 14.32 41.05
CA ALA G 69 -8.65 15.15 40.04
C ALA G 69 -10.15 14.90 40.03
N ALA G 70 -10.60 13.82 40.64
CA ALA G 70 -12.03 13.55 40.70
C ALA G 70 -12.71 14.36 41.79
N ARG G 71 -12.10 14.41 42.98
CA ARG G 71 -12.74 15.07 44.11
C ARG G 71 -12.68 16.59 43.97
N ASP G 72 -11.82 17.08 43.07
CA ASP G 72 -11.86 18.50 42.77
C ASP G 72 -12.93 18.79 41.72
N ASN G 73 -13.57 17.75 41.20
CA ASN G 73 -14.78 17.88 40.41
C ASN G 73 -15.96 17.32 41.17
N LYS G 74 -15.70 16.92 42.43
CA LYS G 74 -16.73 16.72 43.46
C LYS G 74 -17.65 15.56 43.12
N LYS G 75 -17.10 14.50 42.56
CA LYS G 75 -17.93 13.38 42.17
C LYS G 75 -17.48 12.12 42.87
N THR G 76 -18.30 11.08 42.75
CA THR G 76 -18.13 9.88 43.55
C THR G 76 -17.18 8.89 42.91
N ARG G 77 -17.39 8.58 41.64
CA ARG G 77 -16.66 7.51 40.97
C ARG G 77 -15.66 8.13 40.03
N ILE G 78 -14.80 7.30 39.43
CA ILE G 78 -13.87 7.79 38.42
C ILE G 78 -14.48 7.55 37.05
N ILE G 79 -14.56 8.59 36.24
CA ILE G 79 -15.05 8.52 34.87
C ILE G 79 -13.85 8.73 33.96
N PRO G 80 -13.87 8.30 32.70
CA PRO G 80 -12.65 8.38 31.88
C PRO G 80 -12.24 9.77 31.47
N ARG G 81 -13.05 10.78 31.74
CA ARG G 81 -12.60 12.15 31.60
C ARG G 81 -11.53 12.47 32.64
N HIS G 82 -11.55 11.76 33.78
CA HIS G 82 -10.59 12.04 34.83
C HIS G 82 -9.23 11.44 34.50
N LEU G 83 -9.22 10.23 33.96
CA LEU G 83 -7.95 9.55 33.66
C LEU G 83 -7.17 10.25 32.57
N GLN G 84 -7.87 10.86 31.61
CA GLN G 84 -7.22 11.71 30.62
C GLN G 84 -6.56 12.91 31.30
N LEU G 85 -7.23 13.50 32.29
CA LEU G 85 -6.64 14.62 33.00
C LEU G 85 -5.55 14.14 33.94
N ALA G 86 -5.58 12.87 34.30
CA ALA G 86 -4.55 12.30 35.15
C ALA G 86 -3.23 12.22 34.42
N VAL G 87 -3.25 11.64 33.22
CA VAL G 87 -2.02 11.37 32.50
C VAL G 87 -1.46 12.64 31.89
N ARG G 88 -2.31 13.39 31.19
CA ARG G 88 -1.85 14.53 30.42
C ARG G 88 -1.38 15.70 31.28
N ASN G 89 -1.74 15.74 32.56
CA ASN G 89 -1.18 16.75 33.45
C ASN G 89 0.05 16.26 34.18
N ASP G 90 0.66 15.18 33.74
CA ASP G 90 1.85 14.65 34.40
C ASP G 90 3.02 14.82 33.44
N GLU G 91 4.23 14.75 33.95
CA GLU G 91 5.42 14.77 33.10
C GLU G 91 5.77 13.37 32.61
N GLU G 92 5.78 12.39 33.51
CA GLU G 92 6.37 11.10 33.17
C GLU G 92 5.33 10.07 32.77
N LEU G 93 4.07 10.28 33.10
CA LEU G 93 3.05 9.40 32.56
C LEU G 93 2.80 9.73 31.10
N ASN G 94 3.00 11.00 30.73
CA ASN G 94 2.76 11.39 29.35
C ASN G 94 3.83 10.87 28.42
N LYS G 95 5.04 10.68 28.91
CA LYS G 95 6.08 10.20 28.02
C LYS G 95 5.92 8.70 27.77
N LEU G 96 5.35 7.99 28.74
CA LEU G 96 5.04 6.58 28.57
C LEU G 96 3.81 6.40 27.69
N LEU G 97 2.78 7.18 27.93
CA LEU G 97 1.50 7.03 27.24
C LEU G 97 1.31 8.09 26.17
N GLY G 98 2.37 8.38 25.41
CA GLY G 98 2.24 9.29 24.29
C GLY G 98 1.73 8.63 23.03
N ARG G 99 1.55 7.33 23.06
CA ARG G 99 0.99 6.60 21.93
C ARG G 99 -0.27 5.86 22.39
N VAL G 100 -1.13 6.54 23.13
CA VAL G 100 -2.35 5.95 23.63
C VAL G 100 -3.51 6.89 23.38
N THR G 101 -4.54 6.36 22.74
CA THR G 101 -5.82 7.02 22.62
C THR G 101 -6.79 6.41 23.63
N ILE G 102 -7.28 7.22 24.56
CA ILE G 102 -8.18 6.78 25.61
C ILE G 102 -9.59 7.06 25.12
N ALA G 103 -10.44 6.04 25.16
CA ALA G 103 -11.79 6.15 24.62
C ALA G 103 -12.65 7.07 25.47
N GLN G 104 -13.31 8.02 24.82
CA GLN G 104 -14.19 9.05 25.38
C GLN G 104 -13.49 9.97 26.35
N GLY G 105 -12.21 10.21 26.20
CA GLY G 105 -11.51 11.06 27.13
C GLY G 105 -11.81 12.53 26.97
N GLY G 106 -11.44 13.11 25.85
CA GLY G 106 -11.45 14.55 25.72
C GLY G 106 -10.03 15.08 25.77
N VAL G 107 -9.90 16.39 25.61
CA VAL G 107 -8.57 17.01 25.61
C VAL G 107 -8.49 18.01 26.74
N LEU G 108 -7.33 18.64 26.83
CA LEU G 108 -7.09 19.58 27.91
C LEU G 108 -7.61 20.96 27.52
N PRO G 109 -7.89 21.81 28.48
CA PRO G 109 -8.03 23.23 28.19
C PRO G 109 -6.69 23.81 27.79
N ASN G 110 -6.60 24.29 26.54
CA ASN G 110 -5.33 24.69 25.96
C ASN G 110 -5.61 25.69 24.86
N ILE G 111 -5.44 26.97 25.15
CA ILE G 111 -5.65 28.05 24.19
C ILE G 111 -4.33 28.79 24.05
N GLN G 112 -3.95 29.11 22.82
CA GLN G 112 -2.63 29.69 22.58
C GLN G 112 -2.57 31.14 23.03
N SER G 113 -1.41 31.75 22.81
CA SER G 113 -1.13 33.06 23.39
C SER G 113 -1.90 34.16 22.68
N VAL G 114 -1.73 34.27 21.36
CA VAL G 114 -2.26 35.38 20.60
C VAL G 114 -3.75 35.23 20.31
N LEU G 115 -4.36 34.13 20.70
CA LEU G 115 -5.77 33.94 20.44
C LEU G 115 -6.65 34.58 21.51
N LEU G 116 -6.10 34.93 22.66
CA LEU G 116 -6.85 35.62 23.69
C LEU G 116 -7.21 37.03 23.23
N PRO G 117 -8.34 37.57 23.66
CA PRO G 117 -8.74 38.89 23.18
C PRO G 117 -7.96 40.01 23.85
N LYS G 118 -7.62 41.01 23.05
CA LYS G 118 -7.08 42.25 23.57
C LYS G 118 -8.22 43.22 23.79
N THR H 31 -17.79 -21.02 30.56
CA THR H 31 -16.90 -20.20 29.75
C THR H 31 -16.23 -19.11 30.59
N ARG H 32 -14.97 -19.34 30.94
CA ARG H 32 -14.22 -18.39 31.77
C ARG H 32 -13.75 -17.25 30.90
N LYS H 33 -13.90 -16.02 31.40
CA LYS H 33 -13.20 -14.88 30.84
C LYS H 33 -12.63 -14.09 32.00
N GLU H 34 -11.32 -14.19 32.17
CA GLU H 34 -10.66 -13.60 33.32
C GLU H 34 -10.51 -12.09 33.17
N SER H 35 -9.89 -11.49 34.18
CA SER H 35 -9.62 -10.07 34.21
C SER H 35 -8.64 -9.79 35.34
N TYR H 36 -8.28 -8.52 35.45
CA TYR H 36 -7.65 -7.96 36.64
C TYR H 36 -8.59 -7.04 37.37
N ALA H 37 -9.89 -7.33 37.33
CA ALA H 37 -10.88 -6.36 37.75
C ALA H 37 -11.01 -6.29 39.25
N ILE H 38 -10.95 -7.42 39.93
CA ILE H 38 -11.18 -7.45 41.36
C ILE H 38 -9.98 -6.90 42.11
N TYR H 39 -8.84 -6.81 41.44
CA TYR H 39 -7.61 -6.43 42.12
C TYR H 39 -7.51 -4.92 42.21
N VAL H 40 -8.13 -4.22 41.27
CA VAL H 40 -8.09 -2.76 41.28
C VAL H 40 -8.98 -2.23 42.40
N TYR H 41 -10.06 -2.96 42.71
CA TYR H 41 -10.90 -2.62 43.86
C TYR H 41 -10.13 -2.68 45.16
N LYS H 42 -9.17 -3.59 45.26
CA LYS H 42 -8.34 -3.61 46.45
C LYS H 42 -7.43 -2.41 46.44
N VAL H 43 -6.86 -2.11 45.27
CA VAL H 43 -5.84 -1.07 45.18
C VAL H 43 -6.48 0.32 45.27
N LEU H 44 -7.71 0.45 44.78
CA LEU H 44 -8.38 1.75 44.83
C LEU H 44 -8.74 2.13 46.26
N LYS H 45 -9.19 1.17 47.06
CA LYS H 45 -9.67 1.51 48.40
C LYS H 45 -8.51 1.77 49.35
N GLN H 46 -7.33 1.23 49.05
CA GLN H 46 -6.19 1.49 49.91
C GLN H 46 -5.56 2.83 49.59
N VAL H 47 -6.02 3.51 48.56
CA VAL H 47 -5.57 4.85 48.24
C VAL H 47 -6.65 5.90 48.51
N HIS H 48 -7.81 5.78 47.88
CA HIS H 48 -8.97 6.60 48.20
C HIS H 48 -10.13 5.70 48.57
N PRO H 49 -10.33 5.46 49.87
CA PRO H 49 -11.35 4.50 50.29
C PRO H 49 -12.76 5.04 50.16
N ASP H 50 -12.91 6.35 49.97
CA ASP H 50 -14.22 6.95 49.88
C ASP H 50 -14.61 7.22 48.44
N THR H 51 -14.16 6.40 47.50
CA THR H 51 -14.29 6.68 46.09
C THR H 51 -14.70 5.40 45.37
N GLY H 52 -15.43 5.54 44.26
CA GLY H 52 -15.79 4.37 43.48
C GLY H 52 -15.19 4.47 42.09
N ILE H 53 -15.61 3.60 41.16
CA ILE H 53 -15.10 3.64 39.78
C ILE H 53 -16.15 3.03 38.86
N SER H 54 -16.39 3.68 37.73
CA SER H 54 -17.46 3.22 36.85
C SER H 54 -16.96 2.06 36.01
N SER H 55 -17.88 1.39 35.34
CA SER H 55 -17.50 0.19 34.60
C SER H 55 -16.86 0.53 33.26
N LYS H 56 -17.10 1.75 32.76
CA LYS H 56 -16.35 2.24 31.61
C LYS H 56 -14.88 2.33 31.94
N ALA H 57 -14.52 3.16 32.94
CA ALA H 57 -13.14 3.36 33.32
C ALA H 57 -12.60 2.19 34.12
N MET H 58 -13.41 1.15 34.31
CA MET H 58 -12.86 -0.13 34.74
C MET H 58 -12.16 -0.80 33.59
N SER H 59 -12.77 -0.77 32.41
CA SER H 59 -12.24 -1.49 31.27
C SER H 59 -11.19 -0.69 30.51
N ILE H 60 -10.83 0.48 31.03
CA ILE H 60 -9.55 1.06 30.66
C ILE H 60 -8.45 0.41 31.46
N MET H 61 -8.63 0.34 32.78
CA MET H 61 -7.58 -0.17 33.65
C MET H 61 -7.37 -1.66 33.49
N ASN H 62 -8.36 -2.36 32.95
CA ASN H 62 -8.13 -3.72 32.53
C ASN H 62 -7.28 -3.76 31.27
N SER H 63 -7.41 -2.77 30.40
CA SER H 63 -6.68 -2.80 29.14
C SER H 63 -5.39 -2.01 29.27
N PHE H 64 -5.10 -1.52 30.47
CA PHE H 64 -3.83 -0.86 30.69
C PHE H 64 -2.79 -1.84 31.16
N VAL H 65 -3.16 -2.69 32.13
CA VAL H 65 -2.21 -3.63 32.71
C VAL H 65 -1.84 -4.71 31.70
N ASN H 66 -2.76 -5.03 30.81
CA ASN H 66 -2.46 -5.98 29.75
C ASN H 66 -1.49 -5.40 28.74
N ASP H 67 -1.36 -4.08 28.72
CA ASP H 67 -0.45 -3.47 27.76
C ASP H 67 0.92 -3.24 28.39
N VAL H 68 0.95 -2.95 29.69
CA VAL H 68 2.24 -2.73 30.35
C VAL H 68 2.94 -4.05 30.60
N PHE H 69 2.16 -5.11 30.76
CA PHE H 69 2.73 -6.46 30.83
C PHE H 69 3.49 -6.79 29.55
N GLU H 70 2.84 -6.66 28.40
CA GLU H 70 3.37 -7.23 27.17
C GLU H 70 4.49 -6.39 26.59
N ARG H 71 4.79 -5.25 27.20
CA ARG H 71 6.05 -4.60 26.89
C ARG H 71 7.17 -5.15 27.75
N ILE H 72 6.89 -5.32 29.05
CA ILE H 72 7.93 -5.78 29.97
C ILE H 72 8.20 -7.26 29.76
N ALA H 73 7.16 -8.06 29.67
CA ALA H 73 7.35 -9.47 29.37
C ALA H 73 7.81 -9.69 27.94
N GLY H 74 7.59 -8.70 27.09
CA GLY H 74 8.07 -8.79 25.73
C GLY H 74 9.47 -8.23 25.57
N GLU H 75 10.01 -7.66 26.63
CA GLU H 75 11.38 -7.19 26.58
C GLU H 75 12.36 -8.24 27.06
N ALA H 76 11.95 -9.03 28.06
CA ALA H 76 12.80 -10.11 28.56
C ALA H 76 12.95 -11.21 27.52
N SER H 77 12.05 -11.27 26.55
CA SER H 77 12.22 -12.19 25.44
C SER H 77 13.42 -11.83 24.60
N ARG H 78 13.79 -10.56 24.55
CA ARG H 78 14.94 -10.18 23.76
C ARG H 78 16.23 -10.24 24.57
N LEU H 79 16.19 -9.85 25.84
CA LEU H 79 17.41 -9.87 26.65
C LEU H 79 17.80 -11.29 27.01
N ALA H 80 16.88 -12.24 26.92
CA ALA H 80 17.25 -13.63 27.04
C ALA H 80 18.06 -14.08 25.84
N HIS H 81 17.65 -13.65 24.65
CA HIS H 81 18.25 -14.19 23.43
C HIS H 81 19.34 -13.27 22.89
N TYR H 82 19.40 -12.04 23.37
CA TYR H 82 20.55 -11.22 23.02
C TYR H 82 21.79 -11.66 23.78
N ASN H 83 21.62 -12.40 24.86
CA ASN H 83 22.74 -12.92 25.63
C ASN H 83 22.80 -14.44 25.57
N LYS H 84 22.11 -15.03 24.60
CA LYS H 84 22.15 -16.47 24.26
C LYS H 84 21.76 -17.35 25.44
N ARG H 85 20.76 -16.91 26.20
CA ARG H 85 20.34 -17.59 27.41
C ARG H 85 19.05 -18.32 27.13
N SER H 86 18.44 -18.87 28.18
CA SER H 86 17.12 -19.47 28.06
C SER H 86 16.23 -19.17 29.25
N THR H 87 16.70 -18.37 30.19
CA THR H 87 15.99 -18.17 31.45
C THR H 87 15.46 -16.76 31.51
N ILE H 88 14.63 -16.48 32.51
CA ILE H 88 14.25 -15.12 32.88
C ILE H 88 14.37 -15.01 34.39
N THR H 89 15.42 -14.36 34.86
CA THR H 89 15.59 -14.14 36.29
C THR H 89 14.83 -12.91 36.70
N SER H 90 15.11 -12.45 37.92
CA SER H 90 14.66 -11.13 38.30
C SER H 90 15.73 -10.09 38.02
N ARG H 91 16.70 -10.43 37.18
CA ARG H 91 17.71 -9.46 36.80
C ARG H 91 17.37 -8.85 35.45
N GLU H 92 16.78 -9.66 34.57
CA GLU H 92 16.28 -9.15 33.31
C GLU H 92 15.08 -8.25 33.52
N ILE H 93 14.22 -8.61 34.47
CA ILE H 93 13.02 -7.82 34.71
C ILE H 93 13.39 -6.49 35.32
N GLN H 94 14.51 -6.44 36.04
CA GLN H 94 14.99 -5.17 36.55
C GLN H 94 15.52 -4.30 35.42
N THR H 95 16.23 -4.91 34.48
CA THR H 95 16.79 -4.11 33.40
C THR H 95 15.83 -3.98 32.24
N ALA H 96 14.63 -4.55 32.35
CA ALA H 96 13.59 -4.23 31.38
C ALA H 96 12.82 -3.00 31.83
N VAL H 97 12.79 -2.76 33.13
CA VAL H 97 12.11 -1.57 33.64
C VAL H 97 12.98 -0.34 33.43
N ARG H 98 14.31 -0.50 33.58
CA ARG H 98 15.27 0.57 33.32
C ARG H 98 15.10 1.21 31.96
N LEU H 99 14.81 0.41 30.94
CA LEU H 99 14.72 0.89 29.58
C LEU H 99 13.39 1.57 29.30
N LEU H 100 12.31 1.03 29.85
CA LEU H 100 10.97 1.40 29.40
C LEU H 100 10.45 2.63 30.11
N LEU H 101 10.52 2.65 31.33
CA LEU H 101 9.88 3.74 32.04
C LEU H 101 10.81 4.95 32.05
N PRO H 102 10.27 6.16 32.03
CA PRO H 102 11.13 7.34 32.09
C PRO H 102 11.78 7.55 33.45
N GLY H 103 12.49 8.66 33.57
CA GLY H 103 13.46 8.91 34.62
C GLY H 103 13.07 8.71 36.06
N GLU H 104 12.21 9.56 36.60
CA GLU H 104 11.91 9.49 38.03
C GLU H 104 10.95 8.35 38.35
N LEU H 105 10.28 7.83 37.33
CA LEU H 105 9.34 6.75 37.59
C LEU H 105 10.06 5.42 37.63
N ALA H 106 11.14 5.30 36.87
CA ALA H 106 11.88 4.04 36.86
C ALA H 106 12.64 3.85 38.15
N LYS H 107 12.96 4.95 38.82
CA LYS H 107 13.87 4.89 39.95
C LYS H 107 13.16 4.38 41.20
N HIS H 108 11.84 4.50 41.22
CA HIS H 108 11.07 4.00 42.36
C HIS H 108 10.64 2.56 42.13
N ALA H 109 10.29 2.23 40.88
CA ALA H 109 9.66 0.95 40.59
C ALA H 109 10.65 -0.19 40.72
N VAL H 110 11.94 0.09 40.55
CA VAL H 110 12.96 -0.92 40.84
C VAL H 110 13.02 -1.18 42.33
N SER H 111 12.89 -0.12 43.13
CA SER H 111 13.00 -0.24 44.57
C SER H 111 11.80 -0.95 45.18
N GLU H 112 10.61 -0.63 44.69
CA GLU H 112 9.38 -1.26 45.16
C GLU H 112 9.33 -2.74 44.79
N GLY H 113 10.00 -3.10 43.70
CA GLY H 113 10.02 -4.49 43.33
C GLY H 113 10.98 -5.31 44.17
N THR H 114 12.23 -4.82 44.31
CA THR H 114 13.27 -5.57 45.02
C THR H 114 12.99 -5.71 46.50
N LYS H 115 12.18 -4.81 47.08
CA LYS H 115 11.67 -5.03 48.42
C LYS H 115 10.83 -6.30 48.47
N ALA H 116 9.98 -6.48 47.46
CA ALA H 116 9.10 -7.65 47.44
C ALA H 116 9.80 -8.90 46.98
N VAL H 117 11.01 -8.81 46.45
CA VAL H 117 11.81 -10.02 46.28
C VAL H 117 12.34 -10.47 47.63
N THR H 118 12.92 -9.53 48.38
CA THR H 118 13.55 -9.81 49.65
C THR H 118 12.52 -10.20 50.71
N CYS H 119 11.35 -9.58 50.65
CA CYS H 119 10.31 -9.92 51.61
C CYS H 119 9.74 -11.30 51.29
N TYR H 120 9.77 -11.69 50.02
CA TYR H 120 9.45 -13.07 49.70
C TYR H 120 10.60 -14.00 50.05
N THR H 121 11.82 -13.46 50.04
CA THR H 121 13.01 -14.28 50.29
C THR H 121 13.07 -14.72 51.75
N SER H 122 13.08 -13.75 52.67
CA SER H 122 13.24 -14.05 54.09
C SER H 122 12.04 -14.79 54.65
N ALA H 123 10.86 -14.53 54.10
CA ALA H 123 9.67 -15.26 54.51
C ALA H 123 9.58 -16.55 53.71
N LEU K 5 -53.11 2.97 -30.46
CA LEU K 5 -52.62 4.29 -30.05
C LEU K 5 -51.10 4.22 -29.89
N GLU K 6 -50.38 4.42 -30.99
CA GLU K 6 -48.93 4.31 -31.01
C GLU K 6 -48.36 5.54 -31.70
N LEU K 7 -47.04 5.54 -31.93
CA LEU K 7 -46.35 6.57 -32.67
C LEU K 7 -45.50 5.92 -33.74
N ARG K 8 -45.56 6.46 -34.95
CA ARG K 8 -44.88 5.88 -36.10
C ARG K 8 -43.81 6.82 -36.62
N LEU K 9 -42.68 6.25 -37.02
CA LEU K 9 -41.61 6.97 -37.69
C LEU K 9 -41.33 6.26 -39.00
N LYS K 10 -41.65 6.89 -40.12
CA LYS K 10 -41.46 6.28 -41.43
C LYS K 10 -39.97 6.14 -41.74
N SER K 11 -39.62 5.02 -42.34
CA SER K 11 -38.22 4.75 -42.64
C SER K 11 -37.78 5.60 -43.82
N PRO K 12 -36.71 6.39 -43.66
CA PRO K 12 -36.17 7.14 -44.80
C PRO K 12 -35.49 6.27 -45.84
N VAL K 13 -35.14 5.04 -45.51
CA VAL K 13 -34.46 4.13 -46.44
C VAL K 13 -35.40 3.05 -46.96
N GLY K 14 -36.67 3.10 -46.58
CA GLY K 14 -37.67 2.17 -47.10
C GLY K 14 -37.81 0.87 -46.34
N ALA K 15 -37.22 0.76 -45.14
CA ALA K 15 -37.36 -0.46 -44.36
C ALA K 15 -38.66 -0.42 -43.54
N GLU K 16 -38.77 -1.37 -42.62
CA GLU K 16 -39.94 -1.44 -41.75
C GLU K 16 -39.88 -0.31 -40.71
N PRO K 17 -41.00 0.37 -40.44
CA PRO K 17 -40.97 1.47 -39.48
C PRO K 17 -40.96 0.95 -38.05
N ALA K 18 -40.39 1.77 -37.16
CA ALA K 18 -40.35 1.47 -35.74
C ALA K 18 -41.54 2.11 -35.05
N VAL K 19 -42.34 1.30 -34.36
CA VAL K 19 -43.55 1.75 -33.68
C VAL K 19 -43.35 1.66 -32.17
N TYR K 20 -43.61 2.77 -31.49
CA TYR K 20 -43.47 2.86 -30.04
C TYR K 20 -44.82 3.19 -29.42
N PRO K 21 -45.33 2.37 -28.51
CA PRO K 21 -46.69 2.59 -28.00
C PRO K 21 -46.76 3.71 -26.97
N TRP K 22 -47.97 4.22 -26.78
CA TRP K 22 -48.26 5.24 -25.79
C TRP K 22 -48.88 4.61 -24.54
N PRO K 23 -48.42 4.97 -23.33
CA PRO K 23 -47.35 5.92 -22.96
C PRO K 23 -45.94 5.43 -23.26
N LEU K 24 -45.07 6.37 -23.60
CA LEU K 24 -43.70 6.03 -23.98
C LEU K 24 -42.91 5.60 -22.76
N PRO K 25 -42.28 4.43 -22.78
CA PRO K 25 -41.65 3.90 -21.57
C PRO K 25 -40.33 4.58 -21.25
N VAL K 26 -39.96 4.49 -19.97
CA VAL K 26 -38.72 5.06 -19.46
C VAL K 26 -37.73 3.92 -19.23
N TYR K 27 -36.57 4.01 -19.88
CA TYR K 27 -35.54 2.99 -19.75
C TYR K 27 -34.63 3.22 -18.55
N ASP K 28 -34.12 4.43 -18.39
CA ASP K 28 -33.29 4.80 -17.25
C ASP K 28 -33.44 6.30 -17.05
N LYS K 29 -32.50 6.86 -16.27
CA LYS K 29 -32.62 8.26 -15.85
C LYS K 29 -32.41 9.25 -16.99
N HIS K 30 -31.54 8.95 -17.95
CA HIS K 30 -31.16 9.92 -18.96
C HIS K 30 -31.34 9.44 -20.39
N HIS K 31 -31.98 8.30 -20.62
CA HIS K 31 -32.24 7.84 -21.98
C HIS K 31 -33.61 7.19 -22.05
N ASP K 32 -34.58 7.91 -22.61
CA ASP K 32 -35.95 7.42 -22.68
C ASP K 32 -36.48 7.60 -24.10
N ALA K 33 -37.51 6.82 -24.43
CA ALA K 33 -37.96 6.69 -25.81
C ALA K 33 -38.70 7.94 -26.29
N ALA K 34 -39.13 8.80 -25.36
CA ALA K 34 -39.77 10.05 -25.76
C ALA K 34 -38.75 11.04 -26.30
N HIS K 35 -37.64 11.23 -25.58
CA HIS K 35 -36.59 12.12 -26.05
C HIS K 35 -35.79 11.47 -27.16
N GLU K 36 -35.87 10.15 -27.27
CA GLU K 36 -35.07 9.41 -28.26
C GLU K 36 -35.55 9.70 -29.66
N ILE K 37 -36.84 10.03 -29.81
CA ILE K 37 -37.41 10.39 -31.11
C ILE K 37 -36.95 11.78 -31.52
N ILE K 38 -36.75 12.67 -30.54
CA ILE K 38 -36.21 14.00 -30.80
C ILE K 38 -34.81 13.89 -31.40
N GLU K 39 -33.99 12.98 -30.86
CA GLU K 39 -32.65 12.78 -31.40
C GLU K 39 -32.70 11.97 -32.68
N THR K 40 -33.69 11.07 -32.82
CA THR K 40 -33.85 10.28 -34.03
C THR K 40 -34.12 11.17 -35.24
N ILE K 41 -35.02 12.14 -35.09
CA ILE K 41 -35.24 13.13 -36.14
C ILE K 41 -34.01 14.03 -36.30
N ARG K 42 -33.28 14.24 -35.20
CA ARG K 42 -32.09 15.07 -35.26
C ARG K 42 -30.95 14.37 -36.01
N TRP K 43 -30.78 13.06 -35.82
CA TRP K 43 -29.68 12.38 -36.48
C TRP K 43 -30.03 11.91 -37.89
N VAL K 44 -31.32 11.67 -38.17
CA VAL K 44 -31.70 11.27 -39.53
C VAL K 44 -31.74 12.49 -40.46
N CYS K 45 -31.99 13.68 -39.90
CA CYS K 45 -31.76 14.89 -40.70
C CYS K 45 -30.27 15.11 -40.97
N GLU K 46 -29.40 14.56 -40.13
CA GLU K 46 -27.97 14.54 -40.47
C GLU K 46 -27.67 13.49 -41.52
N GLU K 47 -28.56 12.52 -41.72
CA GLU K 47 -28.35 11.50 -42.74
C GLU K 47 -28.72 11.99 -44.13
N ILE K 48 -29.95 12.46 -44.32
CA ILE K 48 -30.38 13.01 -45.59
C ILE K 48 -30.29 14.52 -45.51
N PRO K 49 -29.41 15.17 -46.29
CA PRO K 49 -29.28 16.63 -46.21
C PRO K 49 -30.50 17.39 -46.71
N ASP K 50 -31.26 16.78 -47.62
CA ASP K 50 -32.49 17.40 -48.07
C ASP K 50 -33.58 17.29 -47.02
N LEU K 51 -33.49 16.28 -46.14
CA LEU K 51 -34.46 16.14 -45.06
C LEU K 51 -34.20 17.17 -43.96
N LYS K 52 -32.95 17.63 -43.84
CA LYS K 52 -32.62 18.64 -42.84
C LYS K 52 -33.25 19.98 -43.18
N LEU K 53 -33.39 20.27 -44.48
CA LEU K 53 -34.06 21.51 -44.91
C LEU K 53 -35.55 21.48 -44.60
N ALA K 54 -36.15 20.29 -44.55
CA ALA K 54 -37.56 20.15 -44.25
C ALA K 54 -37.90 20.38 -42.78
N MET K 55 -36.95 20.17 -41.87
CA MET K 55 -37.21 20.43 -40.46
C MET K 55 -36.61 21.76 -39.99
N GLU K 56 -35.83 22.45 -40.82
CA GLU K 56 -35.49 23.82 -40.50
C GLU K 56 -36.70 24.72 -40.68
N ASN K 57 -37.59 24.38 -41.62
CA ASN K 57 -38.83 25.11 -41.83
C ASN K 57 -39.90 24.63 -40.87
N TYR K 58 -40.57 25.59 -40.21
CA TYR K 58 -41.81 25.42 -39.46
C TYR K 58 -41.72 24.48 -38.26
N VAL K 59 -40.51 24.11 -37.84
CA VAL K 59 -40.35 23.39 -36.59
C VAL K 59 -39.97 24.41 -35.51
N LEU K 60 -40.95 24.81 -34.72
CA LEU K 60 -40.75 25.77 -33.63
C LEU K 60 -40.45 25.03 -32.34
N ILE K 61 -39.99 25.73 -31.30
CA ILE K 61 -39.62 25.16 -30.01
C ILE K 61 -40.82 24.51 -29.35
N ASP K 62 -42.01 25.07 -29.58
CA ASP K 62 -43.21 24.71 -28.82
C ASP K 62 -43.76 23.33 -29.17
N TYR K 63 -43.04 22.29 -28.77
CA TYR K 63 -43.55 20.93 -28.71
C TYR K 63 -42.96 20.25 -27.48
N ASP K 64 -43.82 19.58 -26.72
CA ASP K 64 -43.43 19.05 -25.41
C ASP K 64 -43.74 17.56 -25.33
N THR K 65 -43.03 16.86 -24.43
CA THR K 65 -43.13 15.42 -24.31
C THR K 65 -44.40 14.98 -23.58
N LYS K 66 -45.04 15.90 -22.87
CA LYS K 66 -46.23 15.55 -22.10
C LYS K 66 -47.45 15.36 -23.00
N SER K 67 -47.54 16.12 -24.09
CA SER K 67 -48.67 16.01 -25.00
C SER K 67 -48.43 14.90 -26.02
N PHE K 68 -49.47 14.14 -26.33
CA PHE K 68 -49.36 13.06 -27.30
C PHE K 68 -49.32 13.60 -28.73
N GLU K 69 -50.26 14.49 -29.06
CA GLU K 69 -50.38 14.97 -30.44
C GLU K 69 -49.25 15.92 -30.81
N SER K 70 -48.71 16.64 -29.81
CA SER K 70 -47.63 17.58 -30.09
C SER K 70 -46.32 16.84 -30.36
N MET K 71 -46.07 15.76 -29.62
CA MET K 71 -44.99 14.84 -30.01
C MET K 71 -45.30 14.19 -31.35
N GLN K 72 -46.58 13.89 -31.59
CA GLN K 72 -46.97 13.37 -32.90
C GLN K 72 -46.85 14.42 -33.98
N ARG K 73 -46.99 15.71 -33.62
CA ARG K 73 -46.97 16.81 -34.58
C ARG K 73 -45.66 16.92 -35.32
N LEU K 74 -44.53 16.83 -34.61
CA LEU K 74 -43.24 16.75 -35.29
C LEU K 74 -43.07 15.40 -35.97
N CYS K 75 -43.64 14.34 -35.38
CA CYS K 75 -43.57 13.02 -36.01
C CYS K 75 -44.41 12.97 -37.27
N ASP K 76 -45.57 13.63 -37.27
CA ASP K 76 -46.38 13.67 -38.49
C ASP K 76 -45.76 14.60 -39.51
N LYS K 77 -45.00 15.60 -39.06
CA LYS K 77 -44.27 16.46 -39.97
C LYS K 77 -43.05 15.75 -40.54
N TYR K 78 -42.48 14.81 -39.77
CA TYR K 78 -41.42 13.96 -40.28
C TYR K 78 -41.93 13.00 -41.33
N ASN K 79 -43.15 12.46 -41.13
CA ASN K 79 -43.67 11.44 -42.03
C ASN K 79 -44.08 12.03 -43.37
N ARG K 80 -44.43 13.32 -43.39
CA ARG K 80 -44.74 13.98 -44.65
C ARG K 80 -43.47 14.24 -45.45
N ALA K 81 -42.33 14.42 -44.76
CA ALA K 81 -41.12 14.84 -45.44
C ALA K 81 -40.35 13.65 -46.00
N ILE K 82 -40.56 12.45 -45.42
CA ILE K 82 -39.93 11.24 -45.95
C ILE K 82 -40.52 10.89 -47.31
N ASP K 83 -41.81 11.16 -47.50
CA ASP K 83 -42.45 10.93 -48.80
C ASP K 83 -41.94 11.92 -49.84
N SER K 84 -41.47 13.08 -49.40
CA SER K 84 -40.86 14.03 -50.32
C SER K 84 -39.46 13.58 -50.73
N ILE K 85 -38.76 12.89 -49.83
CA ILE K 85 -37.42 12.40 -50.15
C ILE K 85 -37.49 11.22 -51.11
N HIS K 86 -38.46 10.31 -50.91
CA HIS K 86 -38.54 9.11 -51.72
C HIS K 86 -39.02 9.42 -53.14
N GLN K 87 -39.85 10.46 -53.31
CA GLN K 87 -40.21 10.88 -54.66
C GLN K 87 -39.07 11.66 -55.32
N LEU K 88 -38.20 12.25 -54.51
CA LEU K 88 -37.04 12.96 -55.05
C LEU K 88 -35.97 11.98 -55.51
N TRP K 89 -35.81 10.86 -54.80
CA TRP K 89 -34.85 9.84 -55.18
C TRP K 89 -35.25 9.08 -56.44
N LYS K 90 -36.54 9.08 -56.80
CA LYS K 90 -36.97 8.44 -58.04
C LYS K 90 -36.58 9.23 -59.28
N GLY K 91 -36.30 10.53 -59.14
CA GLY K 91 -35.90 11.34 -60.26
C GLY K 91 -34.42 11.29 -60.54
N THR K 92 -33.78 12.46 -60.67
CA THR K 92 -32.36 12.54 -60.97
C THR K 92 -31.50 12.58 -59.72
N THR K 93 -32.09 12.80 -58.55
CA THR K 93 -31.34 12.87 -57.30
C THR K 93 -30.85 11.49 -56.89
N GLN K 94 -29.55 11.36 -56.60
CA GLN K 94 -28.97 10.08 -56.22
C GLN K 94 -29.37 9.72 -54.79
N PRO K 95 -29.61 8.44 -54.49
CA PRO K 95 -30.00 8.07 -53.12
C PRO K 95 -28.85 8.16 -52.15
N MET K 96 -29.18 8.13 -50.86
CA MET K 96 -28.20 8.18 -49.79
C MET K 96 -27.40 6.87 -49.75
N LYS K 97 -26.12 6.97 -49.39
CA LYS K 97 -25.23 5.81 -49.38
C LYS K 97 -25.58 4.84 -48.27
N LEU K 98 -25.91 3.61 -48.67
CA LEU K 98 -26.42 2.59 -47.77
C LEU K 98 -25.33 1.71 -47.16
N ASN K 99 -24.27 1.41 -47.91
CA ASN K 99 -23.24 0.48 -47.48
C ASN K 99 -22.08 1.17 -46.76
N THR K 100 -22.30 2.36 -46.23
CA THR K 100 -21.28 3.06 -45.48
C THR K 100 -21.38 2.74 -43.99
N ARG K 101 -20.40 3.14 -43.29
CA ARG K 101 -20.35 2.91 -41.86
C ARG K 101 -20.93 4.11 -41.11
N PRO K 102 -21.61 3.91 -39.99
CA PRO K 102 -22.14 5.04 -39.24
C PRO K 102 -21.03 5.81 -38.55
N SER K 103 -21.08 7.14 -38.68
CA SER K 103 -20.13 8.01 -38.00
C SER K 103 -20.37 7.97 -36.50
N THR K 104 -19.41 8.54 -35.75
CA THR K 104 -19.46 8.47 -34.30
C THR K 104 -20.68 9.20 -33.74
N GLY K 105 -21.09 10.28 -34.39
CA GLY K 105 -22.35 10.93 -34.02
C GLY K 105 -23.56 10.07 -34.31
N LEU K 106 -23.46 9.20 -35.33
CA LEU K 106 -24.55 8.28 -35.61
C LEU K 106 -24.34 6.95 -34.89
N LEU K 107 -23.07 6.61 -34.60
CA LEU K 107 -22.80 5.46 -33.74
C LEU K 107 -23.12 5.80 -32.29
N ARG K 108 -23.15 7.10 -31.97
CA ARG K 108 -23.72 7.54 -30.70
C ARG K 108 -25.18 7.15 -30.58
N HIS K 109 -25.94 7.40 -31.63
CA HIS K 109 -27.38 7.24 -31.50
C HIS K 109 -27.80 5.77 -31.57
N ILE K 110 -27.19 5.00 -32.47
CA ILE K 110 -27.66 3.65 -32.76
C ILE K 110 -27.39 2.71 -31.59
N LEU K 111 -26.16 2.74 -31.05
CA LEU K 111 -25.77 1.78 -30.01
C LEU K 111 -26.53 2.01 -28.71
N GLN K 112 -26.73 3.28 -28.34
CA GLN K 112 -27.53 3.60 -27.16
C GLN K 112 -28.98 3.21 -27.36
N GLN K 113 -29.48 3.40 -28.59
CA GLN K 113 -30.79 2.89 -28.98
C GLN K 113 -30.86 1.37 -28.86
N VAL K 114 -29.77 0.69 -29.24
CA VAL K 114 -29.70 -0.75 -28.98
C VAL K 114 -29.51 -0.99 -27.48
N TYR K 115 -28.77 -0.12 -26.80
CA TYR K 115 -28.58 -0.28 -25.35
C TYR K 115 -29.90 -0.07 -24.61
N ASN K 116 -30.73 0.85 -25.09
CA ASN K 116 -31.99 1.06 -24.40
C ASN K 116 -33.03 0.01 -24.79
N HIS K 117 -33.26 -0.20 -26.08
CA HIS K 117 -34.42 -0.99 -26.48
C HIS K 117 -34.22 -2.50 -26.29
N SER K 118 -32.99 -2.99 -26.34
CA SER K 118 -32.73 -4.39 -26.02
C SER K 118 -32.63 -4.61 -24.51
N VAL K 119 -31.73 -3.89 -23.86
CA VAL K 119 -31.51 -4.03 -22.43
C VAL K 119 -32.59 -3.18 -21.76
N THR K 120 -33.69 -3.86 -21.37
CA THR K 120 -34.77 -3.17 -20.70
C THR K 120 -34.38 -2.77 -19.29
N ASP K 121 -33.78 -3.69 -18.53
CA ASP K 121 -33.46 -3.47 -17.11
C ASP K 121 -31.96 -3.44 -16.94
N PRO K 122 -31.37 -2.25 -16.73
CA PRO K 122 -29.93 -2.19 -16.43
C PRO K 122 -29.60 -2.62 -15.01
N GLU K 123 -30.60 -2.68 -14.13
CA GLU K 123 -30.37 -3.15 -12.76
C GLU K 123 -30.06 -4.63 -12.75
N LYS K 124 -30.61 -5.38 -13.72
CA LYS K 124 -30.28 -6.80 -13.85
C LYS K 124 -28.87 -7.02 -14.37
N LEU K 125 -28.23 -5.99 -14.93
CA LEU K 125 -26.82 -6.11 -15.30
C LEU K 125 -25.90 -6.06 -14.08
N ASN K 126 -26.43 -5.65 -12.92
CA ASN K 126 -25.66 -5.51 -11.70
C ASN K 126 -25.91 -6.63 -10.69
N ASN K 127 -26.70 -7.64 -11.04
CA ASN K 127 -26.96 -8.78 -10.15
C ASN K 127 -25.91 -9.85 -10.39
N TYR K 128 -24.81 -9.75 -9.64
CA TYR K 128 -23.69 -10.66 -9.76
C TYR K 128 -23.06 -10.93 -8.40
N GLU K 129 -22.12 -11.86 -8.38
CA GLU K 129 -21.28 -12.09 -7.21
C GLU K 129 -19.99 -11.30 -7.35
N PRO K 130 -19.68 -10.38 -6.43
CA PRO K 130 -18.50 -9.52 -6.60
C PRO K 130 -17.19 -10.28 -6.34
N PHE K 131 -16.09 -9.62 -6.72
CA PHE K 131 -14.72 -10.14 -6.61
C PHE K 131 -14.58 -11.49 -7.31
N SER K 132 -14.83 -11.48 -8.61
CA SER K 132 -15.02 -12.70 -9.40
C SER K 132 -14.89 -12.32 -10.86
N PRO K 133 -14.83 -13.33 -11.77
CA PRO K 133 -15.04 -13.01 -13.20
C PRO K 133 -16.47 -12.65 -13.56
N GLU K 134 -17.43 -12.80 -12.64
CA GLU K 134 -18.82 -12.43 -12.87
C GLU K 134 -19.05 -10.93 -12.69
N VAL K 135 -18.02 -10.19 -12.26
CA VAL K 135 -18.15 -8.76 -12.03
C VAL K 135 -18.37 -8.01 -13.34
N TYR K 136 -19.48 -7.28 -13.39
CA TYR K 136 -19.89 -6.58 -14.59
C TYR K 136 -19.34 -5.16 -14.58
N GLY K 137 -18.66 -4.79 -15.65
CA GLY K 137 -18.14 -3.45 -15.79
C GLY K 137 -17.96 -3.06 -17.25
N GLU K 138 -18.56 -1.95 -17.64
CA GLU K 138 -18.64 -1.56 -19.05
C GLU K 138 -17.60 -0.51 -19.37
N THR K 139 -17.59 -0.10 -20.64
CA THR K 139 -16.56 0.82 -21.13
C THR K 139 -17.21 2.16 -21.46
N SER K 140 -16.41 3.22 -21.49
CA SER K 140 -16.89 4.54 -21.85
C SER K 140 -17.10 4.67 -23.35
N PHE K 141 -17.83 5.72 -23.73
CA PHE K 141 -18.13 5.96 -25.15
C PHE K 141 -16.91 6.45 -25.92
N ASP K 142 -16.04 7.22 -25.26
CA ASP K 142 -14.92 7.82 -25.97
C ASP K 142 -13.77 6.85 -26.15
N LEU K 143 -13.51 6.00 -25.15
CA LEU K 143 -12.26 5.23 -25.14
C LEU K 143 -12.31 4.12 -26.18
N VAL K 144 -13.50 3.59 -26.46
CA VAL K 144 -13.61 2.63 -27.56
C VAL K 144 -13.51 3.37 -28.88
N ALA K 145 -14.09 4.58 -28.95
CA ALA K 145 -13.93 5.43 -30.11
C ALA K 145 -12.53 6.02 -30.19
N GLN K 146 -11.81 6.03 -29.06
CA GLN K 146 -10.39 6.38 -29.10
C GLN K 146 -9.58 5.27 -29.77
N MET K 147 -9.98 4.01 -29.58
CA MET K 147 -9.25 2.91 -30.20
C MET K 147 -9.52 2.85 -31.69
N ILE K 148 -10.71 3.32 -32.10
CA ILE K 148 -11.03 3.47 -33.52
C ILE K 148 -10.08 4.46 -34.17
N ASP K 149 -9.66 5.48 -33.42
CA ASP K 149 -8.70 6.44 -33.91
C ASP K 149 -7.29 5.87 -33.96
N GLU K 150 -6.89 5.13 -32.92
CA GLU K 150 -5.47 4.94 -32.65
C GLU K 150 -4.98 3.55 -33.07
N ILE K 151 -5.89 2.61 -33.28
CA ILE K 151 -5.49 1.21 -33.54
C ILE K 151 -6.08 0.81 -34.88
N LYS K 152 -5.22 0.26 -35.74
CA LYS K 152 -5.60 -0.10 -37.09
C LYS K 152 -5.98 -1.57 -37.20
N MET K 153 -7.07 -1.83 -37.93
CA MET K 153 -7.64 -3.15 -38.07
C MET K 153 -7.96 -3.42 -39.53
N THR K 154 -7.88 -4.70 -39.91
CA THR K 154 -8.20 -5.16 -41.26
C THR K 154 -9.07 -6.41 -41.17
N ASP K 155 -9.22 -7.09 -42.30
CA ASP K 155 -10.06 -8.27 -42.40
C ASP K 155 -9.39 -9.54 -41.89
N ASP K 156 -8.08 -9.73 -42.11
CA ASP K 156 -7.34 -10.79 -41.43
C ASP K 156 -7.32 -10.58 -39.92
N ASP K 157 -7.36 -9.33 -39.49
CA ASP K 157 -7.54 -9.01 -38.09
C ASP K 157 -8.94 -9.41 -37.65
N LEU K 158 -9.03 -9.89 -36.41
CA LEU K 158 -10.30 -10.35 -35.85
C LEU K 158 -10.39 -9.88 -34.40
N PHE K 159 -11.35 -9.00 -34.14
CA PHE K 159 -11.56 -8.44 -32.80
C PHE K 159 -12.54 -9.32 -32.03
N VAL K 160 -12.03 -9.96 -30.98
CA VAL K 160 -12.81 -10.83 -30.12
C VAL K 160 -12.65 -10.34 -28.69
N ASP K 161 -13.76 -10.19 -27.98
CA ASP K 161 -13.76 -9.65 -26.61
C ASP K 161 -13.79 -10.84 -25.65
N LEU K 162 -13.24 -10.63 -24.46
CA LEU K 162 -13.31 -11.61 -23.38
C LEU K 162 -14.15 -11.04 -22.25
N GLY K 163 -15.36 -11.57 -22.07
CA GLY K 163 -16.28 -11.03 -21.09
C GLY K 163 -16.93 -9.77 -21.61
N SER K 164 -17.69 -9.90 -22.70
CA SER K 164 -18.17 -8.74 -23.46
C SER K 164 -19.24 -7.94 -22.73
N GLY K 165 -19.91 -8.51 -21.74
CA GLY K 165 -21.06 -7.84 -21.18
C GLY K 165 -22.23 -7.97 -22.13
N VAL K 166 -22.93 -6.86 -22.38
CA VAL K 166 -23.87 -6.81 -23.50
C VAL K 166 -23.16 -6.58 -24.82
N GLY K 167 -21.84 -6.39 -24.79
CA GLY K 167 -21.02 -6.53 -25.98
C GLY K 167 -20.79 -5.27 -26.77
N GLN K 168 -20.94 -4.10 -26.15
CA GLN K 168 -20.92 -2.87 -26.95
C GLN K 168 -19.50 -2.49 -27.39
N VAL K 169 -18.48 -3.15 -26.85
CA VAL K 169 -17.13 -2.93 -27.35
C VAL K 169 -16.95 -3.60 -28.71
N VAL K 170 -17.50 -4.81 -28.88
CA VAL K 170 -17.53 -5.44 -30.19
C VAL K 170 -18.42 -4.65 -31.14
N LEU K 171 -19.56 -4.17 -30.62
CA LEU K 171 -20.50 -3.41 -31.43
C LEU K 171 -19.90 -2.11 -31.92
N GLN K 172 -19.07 -1.47 -31.09
CA GLN K 172 -18.44 -0.22 -31.49
C GLN K 172 -17.19 -0.49 -32.34
N VAL K 173 -16.77 -1.75 -32.43
CA VAL K 173 -15.65 -2.11 -33.29
C VAL K 173 -16.12 -2.78 -34.58
N ALA K 174 -17.11 -3.68 -34.48
CA ALA K 174 -17.66 -4.32 -35.68
C ALA K 174 -18.36 -3.31 -36.59
N ALA K 175 -18.91 -2.25 -36.01
CA ALA K 175 -19.40 -1.17 -36.85
C ALA K 175 -18.27 -0.29 -37.37
N ALA K 176 -17.11 -0.32 -36.70
CA ALA K 176 -15.99 0.54 -37.09
C ALA K 176 -15.17 0.00 -38.24
N THR K 177 -14.66 -1.23 -38.14
CA THR K 177 -13.89 -1.83 -39.22
C THR K 177 -14.55 -3.12 -39.69
N ASN K 178 -13.81 -3.85 -40.54
CA ASN K 178 -14.39 -4.93 -41.33
C ASN K 178 -13.78 -6.29 -41.04
N CYS K 179 -13.67 -6.63 -39.77
CA CYS K 179 -13.19 -7.96 -39.42
C CYS K 179 -14.23 -9.00 -39.83
N LYS K 180 -13.74 -10.21 -40.13
CA LYS K 180 -14.54 -11.18 -40.86
C LYS K 180 -15.65 -11.75 -39.99
N HIS K 181 -15.32 -12.29 -38.82
CA HIS K 181 -16.37 -12.53 -37.85
C HIS K 181 -15.83 -12.32 -36.45
N HIS K 182 -16.68 -11.74 -35.60
CA HIS K 182 -16.35 -11.41 -34.23
C HIS K 182 -16.97 -12.43 -33.30
N TYR K 183 -16.38 -12.59 -32.13
CA TYR K 183 -16.95 -13.35 -31.02
C TYR K 183 -17.00 -12.46 -29.78
N GLY K 184 -18.14 -12.47 -29.10
CA GLY K 184 -18.12 -11.92 -27.76
C GLY K 184 -18.52 -12.99 -26.78
N VAL K 185 -17.56 -13.51 -26.02
CA VAL K 185 -17.77 -14.68 -25.18
C VAL K 185 -18.10 -14.18 -23.78
N GLU K 186 -19.13 -14.78 -23.18
CA GLU K 186 -19.75 -14.21 -21.99
C GLU K 186 -19.93 -15.30 -20.94
N LYS K 187 -19.20 -15.18 -19.84
CA LYS K 187 -19.41 -16.07 -18.71
C LYS K 187 -20.51 -15.55 -17.80
N ALA K 188 -20.79 -14.25 -17.86
CA ALA K 188 -21.93 -13.69 -17.15
C ALA K 188 -23.23 -14.15 -17.80
N ASP K 189 -24.30 -14.12 -17.03
CA ASP K 189 -25.56 -14.71 -17.47
C ASP K 189 -26.49 -13.65 -18.05
N ILE K 190 -26.79 -12.63 -17.27
CA ILE K 190 -27.88 -11.70 -17.54
C ILE K 190 -27.56 -10.70 -18.65
N PRO K 191 -26.32 -10.18 -18.81
CA PRO K 191 -26.05 -9.45 -20.07
C PRO K 191 -25.98 -10.35 -21.29
N ALA K 192 -25.78 -11.66 -21.12
CA ALA K 192 -25.83 -12.57 -22.26
C ALA K 192 -27.26 -12.86 -22.67
N LYS K 193 -28.19 -12.85 -21.71
CA LYS K 193 -29.61 -13.02 -22.02
C LYS K 193 -30.15 -11.77 -22.72
N TYR K 194 -29.54 -10.62 -22.43
CA TYR K 194 -29.84 -9.42 -23.18
C TYR K 194 -29.10 -9.37 -24.51
N ALA K 195 -28.02 -10.15 -24.63
CA ALA K 195 -27.25 -10.16 -25.88
C ALA K 195 -28.01 -10.83 -27.01
N GLU K 196 -29.01 -11.66 -26.68
CA GLU K 196 -29.92 -12.17 -27.69
C GLU K 196 -30.75 -11.05 -28.28
N THR K 197 -31.15 -10.09 -27.44
CA THR K 197 -31.93 -8.96 -27.93
C THR K 197 -31.02 -7.85 -28.43
N MET K 198 -29.81 -7.74 -27.88
CA MET K 198 -28.81 -6.82 -28.42
C MET K 198 -28.40 -7.21 -29.83
N ASP K 199 -28.46 -8.51 -30.15
CA ASP K 199 -28.12 -8.97 -31.50
C ASP K 199 -29.27 -8.72 -32.47
N ARG K 200 -30.51 -8.89 -32.01
CA ARG K 200 -31.66 -8.75 -32.91
C ARG K 200 -31.89 -7.30 -33.29
N GLU K 201 -31.92 -6.41 -32.29
CA GLU K 201 -32.28 -5.02 -32.51
C GLU K 201 -31.21 -4.29 -33.31
N PHE K 202 -29.93 -4.60 -33.04
CA PHE K 202 -28.83 -3.89 -33.68
C PHE K 202 -28.71 -4.24 -35.16
N ARG K 203 -28.90 -5.52 -35.50
CA ARG K 203 -29.01 -5.89 -36.90
C ARG K 203 -30.23 -5.25 -37.56
N LYS K 204 -31.28 -4.99 -36.78
CA LYS K 204 -32.42 -4.25 -37.29
C LYS K 204 -32.16 -2.74 -37.24
N TRP K 205 -31.39 -2.25 -36.26
CA TRP K 205 -31.15 -0.82 -36.23
C TRP K 205 -30.08 -0.40 -37.23
N MET K 206 -29.43 -1.36 -37.89
CA MET K 206 -28.65 -1.01 -39.07
C MET K 206 -29.51 -1.13 -40.32
N LYS K 207 -30.73 -1.66 -40.18
CA LYS K 207 -31.68 -1.63 -41.29
C LYS K 207 -32.40 -0.30 -41.37
N TRP K 208 -32.85 0.24 -40.23
CA TRP K 208 -33.70 1.43 -40.25
C TRP K 208 -32.87 2.67 -40.58
N TYR K 209 -31.69 2.77 -39.99
CA TYR K 209 -30.78 3.86 -40.29
C TYR K 209 -29.96 3.61 -41.54
N GLY K 210 -29.84 2.34 -41.95
CA GLY K 210 -29.30 2.01 -43.25
C GLY K 210 -27.81 2.15 -43.39
N LYS K 211 -27.04 1.62 -42.45
CA LYS K 211 -25.59 1.60 -42.54
C LYS K 211 -25.09 0.18 -42.37
N LYS K 212 -23.76 0.00 -42.40
CA LYS K 212 -23.16 -1.32 -42.42
C LYS K 212 -22.37 -1.59 -41.12
N HIS K 213 -22.39 -2.85 -40.69
CA HIS K 213 -21.53 -3.33 -39.63
C HIS K 213 -20.86 -4.62 -40.09
N ALA K 214 -19.93 -5.12 -39.28
CA ALA K 214 -19.31 -6.40 -39.60
C ALA K 214 -20.08 -7.54 -38.95
N GLU K 215 -19.69 -8.75 -39.33
CA GLU K 215 -20.35 -9.95 -38.81
C GLU K 215 -19.91 -10.21 -37.37
N TYR K 216 -20.90 -10.36 -36.48
CA TYR K 216 -20.60 -10.49 -35.06
C TYR K 216 -21.56 -11.49 -34.43
N THR K 217 -21.21 -11.95 -33.24
CA THR K 217 -22.03 -12.85 -32.43
C THR K 217 -21.58 -12.72 -30.98
N LEU K 218 -22.52 -12.48 -30.08
CA LEU K 218 -22.25 -12.40 -28.66
C LEU K 218 -22.62 -13.73 -28.02
N GLU K 219 -21.62 -14.45 -27.53
CA GLU K 219 -21.76 -15.86 -27.19
C GLU K 219 -21.72 -16.05 -25.69
N ARG K 220 -22.51 -17.01 -25.21
CA ARG K 220 -22.62 -17.32 -23.80
C ARG K 220 -21.91 -18.64 -23.55
N GLY K 221 -21.23 -18.75 -22.42
CA GLY K 221 -20.49 -19.97 -22.12
C GLY K 221 -19.21 -19.63 -21.40
N ASP K 222 -18.23 -20.51 -21.55
CA ASP K 222 -16.95 -20.37 -20.88
C ASP K 222 -15.91 -19.87 -21.89
N PHE K 223 -15.18 -18.82 -21.52
CA PHE K 223 -13.96 -18.47 -22.21
C PHE K 223 -12.77 -19.28 -21.74
N LEU K 224 -12.92 -19.98 -20.62
CA LEU K 224 -11.91 -20.93 -20.14
C LEU K 224 -12.26 -22.37 -20.47
N SER K 225 -13.23 -22.59 -21.34
CA SER K 225 -13.44 -23.92 -21.90
C SER K 225 -12.30 -24.24 -22.85
N GLU K 226 -12.01 -25.54 -23.00
CA GLU K 226 -10.76 -25.94 -23.64
C GLU K 226 -10.89 -25.97 -25.16
N GLU K 227 -12.10 -25.70 -25.66
CA GLU K 227 -12.27 -25.43 -27.08
C GLU K 227 -11.52 -24.17 -27.50
N TRP K 228 -11.57 -23.14 -26.64
CA TRP K 228 -11.04 -21.83 -26.99
C TRP K 228 -9.52 -21.74 -26.82
N ARG K 229 -8.84 -22.87 -26.58
CA ARG K 229 -7.38 -22.87 -26.58
C ARG K 229 -6.84 -22.47 -27.95
N GLU K 230 -7.38 -23.07 -29.00
CA GLU K 230 -6.92 -22.78 -30.35
C GLU K 230 -7.72 -21.63 -30.96
N ARG K 231 -8.92 -21.37 -30.45
CA ARG K 231 -9.73 -20.28 -30.98
C ARG K 231 -9.15 -18.93 -30.60
N ILE K 232 -8.51 -18.85 -29.43
CA ILE K 232 -7.70 -17.69 -29.10
C ILE K 232 -6.44 -17.67 -29.95
N ALA K 233 -5.90 -18.87 -30.25
CA ALA K 233 -4.72 -18.96 -31.12
C ALA K 233 -5.04 -18.63 -32.58
N ASN K 234 -6.33 -18.48 -32.91
CA ASN K 234 -6.79 -17.98 -34.20
C ASN K 234 -7.06 -16.48 -34.19
N THR K 235 -6.98 -15.83 -33.04
CA THR K 235 -7.43 -14.46 -32.92
C THR K 235 -6.24 -13.51 -33.08
N SER K 236 -6.48 -12.38 -33.74
CA SER K 236 -5.48 -11.33 -33.84
C SER K 236 -5.56 -10.32 -32.70
N VAL K 237 -6.71 -9.67 -32.53
CA VAL K 237 -6.88 -8.58 -31.56
C VAL K 237 -7.78 -9.09 -30.44
N ILE K 238 -7.30 -9.02 -29.21
CA ILE K 238 -8.03 -9.49 -28.04
C ILE K 238 -8.17 -8.35 -27.04
N PHE K 239 -9.41 -7.98 -26.75
CA PHE K 239 -9.72 -7.01 -25.72
C PHE K 239 -10.14 -7.74 -24.46
N VAL K 240 -9.65 -7.27 -23.31
CA VAL K 240 -9.95 -7.92 -22.03
C VAL K 240 -9.91 -6.89 -20.91
N ASN K 241 -10.89 -6.97 -20.00
CA ASN K 241 -10.94 -6.09 -18.83
C ASN K 241 -10.51 -6.92 -17.63
N ASN K 242 -9.22 -6.91 -17.36
CA ASN K 242 -8.61 -7.75 -16.31
C ASN K 242 -8.43 -7.01 -15.00
N PHE K 243 -9.36 -6.13 -14.64
CA PHE K 243 -9.22 -5.41 -13.37
C PHE K 243 -9.46 -6.34 -12.18
N ALA K 244 -10.51 -7.17 -12.26
CA ALA K 244 -10.88 -8.01 -11.14
C ALA K 244 -11.25 -9.43 -11.54
N PHE K 245 -10.61 -9.98 -12.57
CA PHE K 245 -10.86 -11.38 -12.92
C PHE K 245 -10.26 -12.34 -11.90
N GLY K 246 -9.19 -11.92 -11.23
CA GLY K 246 -8.39 -12.83 -10.46
C GLY K 246 -7.20 -13.28 -11.28
N PRO K 247 -6.01 -13.26 -10.68
CA PRO K 247 -4.79 -13.51 -11.48
C PRO K 247 -4.64 -14.96 -11.93
N GLU K 248 -5.23 -15.92 -11.22
CA GLU K 248 -5.19 -17.30 -11.71
C GLU K 248 -6.15 -17.48 -12.89
N VAL K 249 -7.22 -16.69 -12.92
CA VAL K 249 -8.00 -16.59 -14.15
C VAL K 249 -7.19 -15.91 -15.23
N ASP K 250 -6.34 -14.96 -14.85
CA ASP K 250 -5.44 -14.32 -15.80
C ASP K 250 -4.25 -15.21 -16.12
N HIS K 251 -3.87 -16.09 -15.18
CA HIS K 251 -2.81 -17.07 -15.44
C HIS K 251 -3.27 -18.13 -16.44
N GLN K 252 -4.55 -18.47 -16.42
CA GLN K 252 -5.08 -19.41 -17.41
C GLN K 252 -5.31 -18.70 -18.74
N LEU K 253 -5.43 -17.38 -18.71
CA LEU K 253 -5.33 -16.61 -19.95
C LEU K 253 -3.89 -16.59 -20.43
N LYS K 254 -2.92 -16.62 -19.50
CA LYS K 254 -1.52 -16.72 -19.88
C LYS K 254 -1.17 -18.11 -20.40
N GLU K 255 -1.98 -19.12 -20.05
CA GLU K 255 -1.87 -20.43 -20.68
C GLU K 255 -2.33 -20.38 -22.12
N ARG K 256 -3.44 -19.69 -22.39
CA ARG K 256 -3.95 -19.52 -23.74
C ARG K 256 -3.17 -18.51 -24.54
N PHE K 257 -2.37 -17.67 -23.89
CA PHE K 257 -1.55 -16.71 -24.62
C PHE K 257 -0.17 -17.26 -24.94
N ALA K 258 0.17 -18.46 -24.46
CA ALA K 258 1.40 -19.11 -24.88
C ALA K 258 1.30 -19.67 -26.29
N ASN K 259 0.09 -19.84 -26.81
CA ASN K 259 -0.13 -20.41 -28.12
C ASN K 259 -0.49 -19.35 -29.18
N MET K 260 -0.37 -18.07 -28.83
CA MET K 260 -0.64 -17.04 -29.83
C MET K 260 0.61 -16.74 -30.64
N LYS K 261 0.39 -16.47 -31.92
CA LYS K 261 1.45 -16.16 -32.87
C LYS K 261 1.68 -14.66 -32.97
N GLU K 262 2.35 -14.27 -34.05
CA GLU K 262 2.82 -12.91 -34.28
C GLU K 262 1.67 -11.91 -34.38
N GLY K 263 1.98 -10.66 -34.06
CA GLY K 263 1.09 -9.54 -34.28
C GLY K 263 -0.09 -9.41 -33.34
N GLY K 264 -0.19 -10.24 -32.32
CA GLY K 264 -1.30 -10.12 -31.39
C GLY K 264 -1.17 -8.87 -30.53
N ARG K 265 -2.27 -8.11 -30.43
CA ARG K 265 -2.28 -6.88 -29.66
C ARG K 265 -3.43 -6.91 -28.67
N ILE K 266 -3.07 -6.89 -27.39
CA ILE K 266 -4.02 -7.02 -26.28
C ILE K 266 -4.11 -5.68 -25.58
N VAL K 267 -5.33 -5.18 -25.42
CA VAL K 267 -5.59 -3.91 -24.74
C VAL K 267 -6.32 -4.22 -23.44
N SER K 268 -5.67 -3.97 -22.31
CA SER K 268 -6.15 -4.46 -21.03
C SER K 268 -5.95 -3.43 -19.93
N SER K 269 -6.74 -3.58 -18.87
CA SER K 269 -6.68 -2.70 -17.72
C SER K 269 -5.48 -2.93 -16.82
N LYS K 270 -5.36 -4.11 -16.22
CA LYS K 270 -4.25 -4.43 -15.33
C LYS K 270 -3.17 -5.03 -16.20
N PRO K 271 -1.91 -4.63 -16.04
CA PRO K 271 -0.86 -5.17 -16.91
C PRO K 271 -0.52 -6.61 -16.57
N PHE K 272 -0.64 -7.48 -17.58
CA PHE K 272 0.01 -8.78 -17.57
C PHE K 272 1.52 -8.66 -17.39
N ALA K 273 2.13 -7.60 -17.92
CA ALA K 273 3.57 -7.38 -17.90
C ALA K 273 3.84 -5.93 -17.59
N PRO K 274 4.88 -5.64 -16.81
CA PRO K 274 5.15 -4.25 -16.42
C PRO K 274 5.72 -3.45 -17.58
N LEU K 275 5.51 -2.13 -17.51
CA LEU K 275 6.11 -1.22 -18.48
C LEU K 275 7.62 -1.20 -18.38
N ASN K 276 8.15 -1.31 -17.17
CA ASN K 276 9.58 -1.31 -16.91
C ASN K 276 10.16 -2.73 -16.80
N PHE K 277 9.62 -3.66 -17.57
CA PHE K 277 10.11 -5.04 -17.58
C PHE K 277 11.53 -5.08 -18.13
N ARG K 278 12.28 -6.09 -17.68
CA ARG K 278 13.65 -6.33 -18.14
C ARG K 278 13.84 -7.83 -18.15
N ILE K 279 14.44 -8.36 -19.20
CA ILE K 279 14.62 -9.80 -19.30
C ILE K 279 15.91 -10.22 -18.61
N ASN K 280 15.81 -11.21 -17.72
CA ASN K 280 16.98 -11.80 -17.06
C ASN K 280 16.69 -13.26 -16.78
N SER K 281 17.63 -13.96 -16.15
CA SER K 281 17.44 -15.40 -15.96
C SER K 281 16.62 -15.74 -14.74
N ARG K 282 15.72 -14.83 -14.38
CA ARG K 282 14.81 -14.99 -13.25
C ARG K 282 13.36 -14.89 -13.77
N ASN K 283 13.17 -14.06 -14.80
CA ASN K 283 11.87 -13.86 -15.42
C ASN K 283 11.79 -14.49 -16.81
N LEU K 284 12.43 -15.65 -16.99
CA LEU K 284 12.27 -16.39 -18.24
C LEU K 284 10.84 -16.88 -18.41
N SER K 285 10.14 -17.13 -17.31
CA SER K 285 8.75 -17.55 -17.37
C SER K 285 7.79 -16.39 -17.58
N ASP K 286 8.21 -15.15 -17.39
CA ASP K 286 7.26 -14.05 -17.40
C ASP K 286 6.86 -13.65 -18.80
N ILE K 287 5.72 -12.95 -18.90
CA ILE K 287 5.04 -12.75 -20.16
C ILE K 287 5.58 -11.53 -20.88
N GLY K 288 6.37 -10.71 -20.20
CA GLY K 288 6.91 -9.52 -20.83
C GLY K 288 8.11 -9.78 -21.71
N THR K 289 8.56 -11.02 -21.81
CA THR K 289 9.66 -11.37 -22.70
C THR K 289 9.25 -11.30 -24.17
N ILE K 290 7.97 -11.42 -24.47
CA ILE K 290 7.48 -11.57 -25.83
C ILE K 290 6.59 -10.41 -26.26
N MET K 291 5.96 -9.70 -25.33
CA MET K 291 5.13 -8.60 -25.73
C MET K 291 5.62 -7.33 -25.06
N ARG K 292 5.60 -6.24 -25.82
CA ARG K 292 5.89 -4.93 -25.28
C ARG K 292 4.61 -4.34 -24.72
N VAL K 293 4.73 -3.57 -23.65
CA VAL K 293 3.58 -2.92 -23.05
C VAL K 293 3.74 -1.42 -23.25
N VAL K 294 2.71 -0.78 -23.80
CA VAL K 294 2.63 0.67 -23.87
C VAL K 294 1.25 1.09 -23.40
N GLU K 295 1.20 2.21 -22.69
CA GLU K 295 -0.06 2.68 -22.14
C GLU K 295 -0.73 3.62 -23.13
N LEU K 296 -1.91 3.22 -23.60
CA LEU K 296 -2.76 4.11 -24.37
C LEU K 296 -3.17 5.29 -23.49
N SER K 297 -3.32 6.45 -24.14
CA SER K 297 -3.60 7.67 -23.42
C SER K 297 -4.99 7.60 -22.78
N PRO K 298 -5.09 7.65 -21.45
CA PRO K 298 -6.40 7.65 -20.82
C PRO K 298 -7.12 8.97 -21.05
N LEU K 299 -8.45 8.92 -20.93
CA LEU K 299 -9.30 9.99 -21.43
C LEU K 299 -9.19 11.27 -20.61
N LYS K 300 -9.05 12.40 -21.30
CA LYS K 300 -9.07 13.70 -20.65
C LYS K 300 -10.47 14.04 -20.18
N GLY K 301 -10.58 14.43 -18.91
CA GLY K 301 -11.87 14.69 -18.32
C GLY K 301 -12.64 13.42 -18.03
N SER K 302 -11.99 12.48 -17.36
CA SER K 302 -12.61 11.22 -17.01
C SER K 302 -12.04 10.70 -15.70
N VAL K 303 -12.77 10.90 -14.60
CA VAL K 303 -12.31 10.54 -13.27
C VAL K 303 -13.04 9.27 -12.84
N SER K 304 -12.28 8.25 -12.48
CA SER K 304 -12.84 6.99 -12.01
C SER K 304 -13.13 7.08 -10.50
N TRP K 305 -13.41 5.91 -9.91
CA TRP K 305 -13.70 5.85 -8.49
C TRP K 305 -12.46 6.09 -7.64
N THR K 306 -11.29 5.72 -8.15
CA THR K 306 -10.02 5.93 -7.45
C THR K 306 -9.56 7.38 -7.50
N GLY K 307 -9.73 8.07 -8.63
CA GLY K 307 -9.18 9.39 -8.85
C GLY K 307 -8.25 9.49 -10.04
N LYS K 308 -7.74 8.36 -10.53
CA LYS K 308 -6.96 8.26 -11.75
C LYS K 308 -7.86 7.83 -12.90
N PRO K 309 -7.58 8.25 -14.13
CA PRO K 309 -8.39 7.82 -15.27
C PRO K 309 -8.16 6.36 -15.59
N VAL K 310 -9.15 5.74 -16.26
CA VAL K 310 -9.10 4.32 -16.53
C VAL K 310 -8.05 4.01 -17.59
N SER K 311 -7.07 3.21 -17.20
CA SER K 311 -5.91 2.94 -18.02
C SER K 311 -6.07 1.60 -18.74
N TYR K 312 -6.16 1.65 -20.07
CA TYR K 312 -6.09 0.46 -20.89
C TYR K 312 -4.75 0.43 -21.61
N TYR K 313 -4.03 -0.68 -21.43
CA TYR K 313 -2.63 -0.81 -21.84
C TYR K 313 -2.51 -1.60 -23.14
N LEU K 314 -1.91 -0.98 -24.14
CA LEU K 314 -1.70 -1.59 -25.45
C LEU K 314 -0.55 -2.58 -25.38
N HIS K 315 -0.77 -3.79 -25.86
CA HIS K 315 0.30 -4.77 -26.03
C HIS K 315 0.55 -5.00 -27.50
N THR K 316 1.65 -5.71 -27.80
CA THR K 316 2.01 -6.11 -29.15
C THR K 316 2.92 -7.32 -29.05
N ILE K 317 2.42 -8.49 -29.48
CA ILE K 317 3.26 -9.70 -29.49
C ILE K 317 4.39 -9.49 -30.48
N ASP K 318 5.60 -9.39 -29.96
CA ASP K 318 6.77 -9.07 -30.77
C ASP K 318 7.91 -9.91 -30.21
N ARG K 319 8.12 -11.07 -30.83
CA ARG K 319 9.12 -12.04 -30.39
C ARG K 319 10.53 -11.67 -30.79
N THR K 320 10.78 -10.42 -31.18
CA THR K 320 12.09 -9.95 -31.57
C THR K 320 13.07 -9.97 -30.40
N ILE K 321 12.59 -9.61 -29.21
CA ILE K 321 13.47 -9.34 -28.07
C ILE K 321 14.07 -10.63 -27.54
N LEU K 322 13.34 -11.74 -27.69
CA LEU K 322 13.67 -12.95 -26.93
C LEU K 322 14.89 -13.67 -27.49
N GLU K 323 15.03 -13.65 -28.81
CA GLU K 323 16.19 -14.23 -29.46
C GLU K 323 17.37 -13.28 -29.31
N ASN K 324 17.07 -11.98 -29.25
CA ASN K 324 18.09 -10.94 -29.08
C ASN K 324 18.77 -11.04 -27.73
N TYR K 325 18.00 -11.31 -26.68
CA TYR K 325 18.59 -11.58 -25.38
C TYR K 325 19.42 -12.85 -25.43
N PHE K 326 18.91 -13.87 -26.14
CA PHE K 326 19.66 -15.12 -26.28
C PHE K 326 20.91 -14.91 -27.12
N SER K 327 20.83 -14.00 -28.09
CA SER K 327 22.03 -13.64 -28.86
C SER K 327 22.99 -12.82 -28.02
N SER K 328 22.46 -11.94 -27.16
CA SER K 328 23.33 -11.07 -26.38
C SER K 328 23.84 -11.74 -25.11
N LEU K 329 23.56 -13.04 -24.94
CA LEU K 329 24.30 -13.82 -23.96
C LEU K 329 25.56 -14.42 -24.56
N LYS K 330 25.54 -14.70 -25.87
CA LYS K 330 26.77 -14.94 -26.61
C LYS K 330 27.61 -13.69 -26.73
N ASN K 331 26.99 -12.52 -26.71
CA ASN K 331 27.67 -11.26 -26.98
C ASN K 331 28.03 -10.57 -25.67
N PRO K 332 29.28 -10.12 -25.49
CA PRO K 332 30.44 -10.29 -26.38
C PRO K 332 31.10 -11.65 -26.25
N MET L 5 23.65 -37.26 -42.58
CA MET L 5 23.06 -36.24 -43.45
C MET L 5 22.92 -34.93 -42.69
N GLN L 6 22.90 -33.82 -43.41
CA GLN L 6 22.69 -32.53 -42.77
C GLN L 6 21.30 -32.01 -43.10
N ILE L 7 20.70 -31.31 -42.13
CA ILE L 7 19.33 -30.82 -42.23
C ILE L 7 19.35 -29.31 -42.03
N PHE L 8 18.25 -28.67 -42.41
CA PHE L 8 18.07 -27.24 -42.31
C PHE L 8 16.90 -26.93 -41.39
N VAL L 9 17.08 -26.00 -40.46
CA VAL L 9 16.06 -25.71 -39.44
C VAL L 9 15.63 -24.26 -39.60
N LYS L 10 14.43 -24.06 -40.13
CA LYS L 10 13.90 -22.73 -40.43
C LYS L 10 12.95 -22.31 -39.31
N THR L 11 13.20 -21.15 -38.73
CA THR L 11 12.44 -20.66 -37.58
C THR L 11 11.37 -19.67 -38.04
N LEU L 12 10.60 -19.19 -37.05
CA LEU L 12 9.58 -18.17 -37.28
C LEU L 12 10.17 -16.77 -37.42
N THR L 13 11.43 -16.57 -37.01
CA THR L 13 12.05 -15.26 -36.95
C THR L 13 12.86 -14.94 -38.21
N GLY L 14 12.74 -15.78 -39.24
CA GLY L 14 13.51 -15.57 -40.46
C GLY L 14 14.89 -16.18 -40.45
N LYS L 15 15.47 -16.37 -39.27
CA LYS L 15 16.79 -16.97 -39.14
C LYS L 15 16.69 -18.47 -39.33
N THR L 16 17.59 -19.01 -40.13
CA THR L 16 17.68 -20.44 -40.38
C THR L 16 19.11 -20.88 -40.10
N ILE L 17 19.27 -21.95 -39.35
CA ILE L 17 20.57 -22.44 -38.95
C ILE L 17 21.01 -23.54 -39.90
N THR L 18 22.32 -23.78 -39.94
CA THR L 18 22.90 -24.90 -40.66
C THR L 18 23.45 -25.89 -39.66
N LEU L 19 22.65 -26.91 -39.34
CA LEU L 19 22.99 -27.85 -38.29
C LEU L 19 23.19 -29.23 -38.91
N GLU L 20 24.19 -29.95 -38.39
CA GLU L 20 24.67 -31.19 -38.96
C GLU L 20 24.39 -32.31 -37.97
N VAL L 21 23.78 -33.39 -38.45
CA VAL L 21 23.32 -34.50 -37.60
C VAL L 21 23.75 -35.81 -38.24
N GLU L 22 23.30 -36.91 -37.63
CA GLU L 22 23.26 -38.22 -38.26
C GLU L 22 21.83 -38.53 -38.67
N PRO L 23 21.61 -39.44 -39.65
CA PRO L 23 20.23 -39.84 -39.99
C PRO L 23 19.55 -40.65 -38.91
N SER L 24 20.33 -41.21 -37.99
CA SER L 24 19.79 -42.02 -36.91
C SER L 24 19.53 -41.24 -35.63
N ASP L 25 19.99 -39.98 -35.55
CA ASP L 25 20.01 -39.24 -34.29
C ASP L 25 18.62 -38.92 -33.78
N THR L 26 18.50 -38.86 -32.45
CA THR L 26 17.28 -38.45 -31.80
C THR L 26 17.17 -36.93 -31.79
N ILE L 27 15.95 -36.44 -31.58
CA ILE L 27 15.72 -35.00 -31.51
C ILE L 27 16.33 -34.44 -30.24
N GLU L 28 16.42 -35.27 -29.20
CA GLU L 28 17.02 -34.86 -27.93
C GLU L 28 18.50 -34.58 -28.10
N ASN L 29 19.20 -35.36 -28.92
CA ASN L 29 20.59 -35.06 -29.23
C ASN L 29 20.67 -33.88 -30.19
N VAL L 30 19.63 -33.67 -31.00
CA VAL L 30 19.56 -32.46 -31.82
C VAL L 30 19.29 -31.24 -30.94
N LYS L 31 18.29 -31.35 -30.04
CA LYS L 31 17.95 -30.23 -29.17
C LYS L 31 19.07 -29.90 -28.19
N ALA L 32 19.89 -30.90 -27.84
CA ALA L 32 21.14 -30.60 -27.16
C ALA L 32 22.11 -29.86 -28.08
N LYS L 33 22.17 -30.25 -29.37
CA LYS L 33 23.08 -29.57 -30.28
C LYS L 33 22.51 -28.25 -30.78
N ILE L 34 21.18 -28.06 -30.65
CA ILE L 34 20.66 -26.71 -30.83
C ILE L 34 21.06 -25.83 -29.66
N GLN L 35 21.23 -26.44 -28.48
CA GLN L 35 21.70 -25.70 -27.32
C GLN L 35 23.19 -25.37 -27.45
N ASP L 36 23.89 -26.09 -28.34
CA ASP L 36 25.28 -25.76 -28.62
C ASP L 36 25.41 -24.46 -29.39
N LYS L 37 24.88 -24.42 -30.62
CA LYS L 37 25.18 -23.30 -31.50
C LYS L 37 24.24 -22.11 -31.30
N GLU L 38 23.06 -22.31 -30.73
CA GLU L 38 22.14 -21.22 -30.50
C GLU L 38 21.96 -20.87 -29.03
N GLY L 39 22.13 -21.84 -28.12
CA GLY L 39 22.02 -21.60 -26.69
C GLY L 39 20.62 -21.31 -26.19
N ILE L 40 19.62 -21.42 -27.06
CA ILE L 40 18.21 -21.19 -26.72
C ILE L 40 17.83 -22.36 -25.82
N PRO L 41 17.07 -22.13 -24.75
CA PRO L 41 16.72 -23.22 -23.82
C PRO L 41 15.87 -24.27 -24.48
N PRO L 42 16.35 -25.52 -24.54
CA PRO L 42 15.58 -26.58 -25.23
C PRO L 42 14.27 -26.89 -24.55
N ASP L 43 14.21 -26.73 -23.23
CA ASP L 43 12.95 -26.81 -22.49
C ASP L 43 12.00 -25.65 -22.81
N GLN L 44 12.48 -24.58 -23.48
CA GLN L 44 11.59 -23.63 -24.12
C GLN L 44 11.70 -23.65 -25.64
N GLN L 45 12.26 -24.71 -26.22
CA GLN L 45 12.22 -24.89 -27.67
C GLN L 45 11.07 -25.81 -28.04
N ARG L 46 10.55 -25.64 -29.25
CA ARG L 46 9.41 -26.42 -29.73
C ARG L 46 9.58 -26.60 -31.23
N LEU L 47 9.83 -27.82 -31.66
CA LEU L 47 10.13 -28.12 -33.06
C LEU L 47 8.94 -28.79 -33.74
N ILE L 48 8.76 -28.46 -35.02
CA ILE L 48 7.71 -29.04 -35.87
C ILE L 48 8.36 -29.55 -37.14
N PHE L 49 8.06 -30.80 -37.52
CA PHE L 49 8.31 -31.27 -38.87
C PHE L 49 6.99 -31.47 -39.60
N ALA L 50 6.58 -30.44 -40.36
CA ALA L 50 5.56 -30.55 -41.40
C ALA L 50 4.21 -31.05 -40.87
N GLY L 51 3.88 -30.61 -39.66
CA GLY L 51 2.67 -31.11 -39.03
C GLY L 51 2.91 -32.29 -38.10
N LYS L 52 4.14 -32.78 -38.03
CA LYS L 52 4.52 -33.83 -37.10
C LYS L 52 5.54 -33.26 -36.13
N GLN L 53 5.10 -33.00 -34.90
CA GLN L 53 5.92 -32.37 -33.88
C GLN L 53 7.04 -33.31 -33.45
N LEU L 54 8.25 -32.77 -33.33
CA LEU L 54 9.38 -33.59 -32.92
C LEU L 54 9.31 -33.82 -31.42
N GLU L 55 9.36 -35.10 -31.02
CA GLU L 55 9.43 -35.50 -29.63
C GLU L 55 10.89 -35.83 -29.31
N ASP L 56 11.27 -35.68 -28.03
CA ASP L 56 12.68 -35.67 -27.63
C ASP L 56 13.38 -36.99 -27.93
N GLY L 57 12.94 -38.08 -27.30
CA GLY L 57 13.54 -39.38 -27.53
C GLY L 57 13.36 -39.96 -28.91
N ARG L 58 12.39 -39.45 -29.67
CA ARG L 58 12.18 -39.88 -31.04
C ARG L 58 13.33 -39.44 -31.93
N THR L 59 13.53 -40.19 -33.01
CA THR L 59 14.68 -40.01 -33.89
C THR L 59 14.33 -39.18 -35.10
N LEU L 60 15.26 -39.15 -36.05
CA LEU L 60 14.91 -38.77 -37.41
C LEU L 60 14.32 -39.96 -38.15
N SER L 61 14.80 -41.17 -37.85
CA SER L 61 14.36 -42.36 -38.57
C SER L 61 12.96 -42.77 -38.17
N ASP L 62 12.49 -42.32 -36.99
CA ASP L 62 11.07 -42.43 -36.69
C ASP L 62 10.25 -41.57 -37.63
N TYR L 63 10.75 -40.38 -37.94
CA TYR L 63 10.03 -39.39 -38.72
C TYR L 63 10.41 -39.42 -40.19
N ASN L 64 11.58 -39.98 -40.51
CA ASN L 64 12.07 -40.22 -41.88
C ASN L 64 12.16 -38.92 -42.67
N ILE L 65 12.64 -37.87 -42.01
CA ILE L 65 12.94 -36.61 -42.66
C ILE L 65 14.08 -36.85 -43.64
N GLN L 66 13.96 -36.33 -44.85
CA GLN L 66 14.95 -36.55 -45.89
C GLN L 66 16.12 -35.59 -45.66
N LYS L 67 17.25 -35.87 -46.33
CA LYS L 67 18.42 -35.02 -46.21
C LYS L 67 18.19 -33.68 -46.86
N GLU L 68 18.84 -32.64 -46.29
CA GLU L 68 18.68 -31.23 -46.65
C GLU L 68 17.23 -30.78 -46.67
N SER L 69 16.44 -31.22 -45.70
CA SER L 69 15.05 -30.80 -45.59
C SER L 69 14.89 -29.68 -44.58
N THR L 70 13.65 -29.21 -44.44
CA THR L 70 13.33 -28.01 -43.69
C THR L 70 12.49 -28.36 -42.47
N LEU L 71 12.94 -27.89 -41.30
CA LEU L 71 12.20 -28.01 -40.06
C LEU L 71 11.51 -26.69 -39.71
N HIS L 72 10.72 -26.73 -38.64
CA HIS L 72 10.10 -25.54 -38.08
C HIS L 72 10.33 -25.51 -36.57
N LEU L 73 10.85 -24.38 -36.08
CA LEU L 73 11.10 -24.17 -34.66
C LEU L 73 10.13 -23.11 -34.13
N VAL L 74 9.51 -23.40 -32.98
CA VAL L 74 8.62 -22.47 -32.29
C VAL L 74 9.24 -22.18 -30.92
N LEU L 75 9.18 -20.92 -30.51
CA LEU L 75 9.69 -20.51 -29.20
C LEU L 75 8.57 -20.58 -28.18
N ARG L 76 8.54 -21.67 -27.41
CA ARG L 76 7.47 -21.89 -26.44
C ARG L 76 7.92 -21.21 -25.15
N LEU L 77 6.98 -20.79 -24.33
CA LEU L 77 7.31 -20.18 -23.06
C LEU L 77 6.84 -21.04 -21.91
N ARG L 78 7.79 -21.51 -21.12
CA ARG L 78 7.55 -22.47 -20.03
C ARG L 78 6.85 -21.71 -18.92
#